data_7L1K
#
_entry.id   7L1K
#
_cell.length_a   1.00
_cell.length_b   1.00
_cell.length_c   1.00
_cell.angle_alpha   90.00
_cell.angle_beta   90.00
_cell.angle_gamma   90.00
#
_symmetry.space_group_name_H-M   'P 1'
#
loop_
_entity.id
_entity.type
_entity.pdbx_description
1 polymer 'N-alpha-acetyltransferase 30'
2 polymer 'N-alpha-acetyltransferase 35, NatC auxiliary subunit'
3 polymer 'N-alpha-acetyltransferase 38, NatC auxiliary subunit'
4 polymer 'MLGP peptide'
5 non-polymer 'INOSITOL HEXAKISPHOSPHATE'
6 non-polymer 'CARBOXYMETHYL COENZYME *A'
#
loop_
_entity_poly.entity_id
_entity_poly.type
_entity_poly.pdbx_seq_one_letter_code
_entity_poly.pdbx_strand_id
1 'polypeptide(L)'
;MVTIVPYSHQYLKDICQLIQKDLSEPYSKYVYRYFVHQWPEFSFVALDNDRFIGAVICKQDVHRGTTLRGYIAMLAIVKE
YRGQGIATKLTQASLDVMKNRGAQEIVLETEVDNEAAMSFYERLGFCRYKRLYRYYLNGTDAFRYILYPN
;
A
2 'polypeptide(L)'
;MSVKESLSLLNSMQGNVKIGNVEPAKGNEGYVDNAGYVDCTKSYFEATKSLKEEQLVCDPKFTLLDSISAFEIMEPKMDS
GIDYQPLRVDFSRDLSYLEILALMDLIVSAEKEWHYGSPLSESLLCSAHVFSICKSPISQVGDSGFSSGSGRNTTDIVLF
PFVLAVIKCCDIVHREFLMGNLYDEEDISSFSYHMSFLQNYPIEKLNYLLQSSIEYLASEVIKFSAELRQIIEGILNRIQ
LRIGILRVYERSDIKTTIDALHLIKNLVPEIQNTVSVVDSSIKESILKQYWDFRVQAQLVATAPVRNIPPTGIEHSYQRI
LYFADDMLLILNSHTLASSLAVYQFCLDFTRLNRTPEPYVRSSLQALITANNAVNLRDQPTSYMLECIREFSGLPSNFYN
PNTRTVIEKNSISSAYGPLVESLIAHSTNIMVDLVRICSHNPCRFRRNLINLLPEITVAHFEAEALDLKFVAKSLPSNGP
FSSFIYHVKLNAIEHILLSSFEQKLHQPYQWPHFFAVLDHVFSIHQTHLELHGKDRNTPPMAKTFVTYLHRILNAIKETY
SGYLLLTVLCMRLNIIKTPSFTLDEKIQESYYMAHYRPLINLRQPKPLLRSEADCIIKNLQNFSTDDLIIKSNEKFTAAK
NSLINVIKSGFEQNEFINPYFLQTNYLKNLLCCCITNLVSLAILSKDHSANLKIVEIPGNPLPSLSRT
;
B
3 'polypeptide(L)'
;MALHYFLQYDVQILCIALMFSIFRVCISTAIDFTSPKLDEFSLIMEMGEILLTSWLNRSVHIEIFDERKFIGKFLCTDRE
GAAILSNTTEYNKGFSRALGLVVIPGKHIKSFSVRA
;
C
4 'polypeptide(L)' MLGP D
#
loop_
_chem_comp.id
_chem_comp.type
_chem_comp.name
_chem_comp.formula
CMC non-polymer 'CARBOXYMETHYL COENZYME *A' 'C23 H38 N7 O18 P3 S'
IHP non-polymer 'INOSITOL HEXAKISPHOSPHATE' 'C6 H18 O24 P6'
#
# COMPACT_ATOMS: atom_id res chain seq x y z
N MET A 1 -34.77 17.45 24.04
CA MET A 1 -34.67 17.23 22.60
C MET A 1 -33.22 17.36 22.14
N VAL A 2 -32.88 16.61 21.10
CA VAL A 2 -31.51 16.55 20.59
C VAL A 2 -31.25 17.82 19.80
N THR A 3 -30.32 18.64 20.29
CA THR A 3 -29.93 19.88 19.63
C THR A 3 -28.47 19.81 19.20
N ILE A 4 -28.12 20.67 18.24
CA ILE A 4 -26.75 20.77 17.74
C ILE A 4 -26.17 22.10 18.21
N VAL A 5 -25.00 22.04 18.82
CA VAL A 5 -24.42 23.16 19.54
C VAL A 5 -23.09 23.55 18.89
N PRO A 6 -22.81 24.85 18.71
CA PRO A 6 -21.66 25.26 17.89
C PRO A 6 -20.28 25.18 18.53
N TYR A 7 -20.10 24.28 19.52
CA TYR A 7 -18.81 24.02 20.17
C TYR A 7 -18.25 25.21 20.95
N SER A 8 -18.76 25.45 22.14
CA SER A 8 -17.99 26.19 23.12
C SER A 8 -16.85 25.33 23.65
N HIS A 9 -15.93 25.96 24.38
CA HIS A 9 -14.71 25.30 24.84
C HIS A 9 -14.93 24.31 25.98
N GLN A 10 -16.14 24.23 26.53
CA GLN A 10 -16.39 23.34 27.65
C GLN A 10 -16.48 21.88 27.25
N TYR A 11 -16.78 21.59 25.98
CA TYR A 11 -16.97 20.23 25.52
C TYR A 11 -15.70 19.58 25.02
N LEU A 12 -14.54 20.19 25.25
CA LEU A 12 -13.29 19.59 24.77
C LEU A 12 -12.93 18.35 25.59
N LYS A 13 -13.15 18.40 26.89
CA LYS A 13 -12.76 17.29 27.76
C LYS A 13 -13.64 16.06 27.58
N ASP A 14 -14.83 16.22 26.99
CA ASP A 14 -15.69 15.11 26.64
C ASP A 14 -15.42 14.59 25.24
N ILE A 15 -14.91 15.44 24.35
CA ILE A 15 -14.56 15.03 22.99
C ILE A 15 -13.38 14.06 23.03
N CYS A 16 -12.38 14.35 23.87
CA CYS A 16 -11.25 13.46 24.03
C CYS A 16 -11.62 12.13 24.68
N GLN A 17 -12.64 12.12 25.56
CA GLN A 17 -13.03 10.88 26.21
C GLN A 17 -13.83 9.97 25.30
N LEU A 18 -14.53 10.53 24.31
CA LEU A 18 -15.37 9.77 23.39
C LEU A 18 -14.56 9.25 22.21
N ILE A 19 -13.83 10.14 21.53
CA ILE A 19 -13.09 9.79 20.32
C ILE A 19 -11.96 8.81 20.62
N GLN A 20 -11.43 8.82 21.84
CA GLN A 20 -10.38 7.87 22.19
C GLN A 20 -10.91 6.44 22.31
N LYS A 21 -12.20 6.27 22.60
CA LYS A 21 -12.71 4.92 22.85
C LYS A 21 -13.35 4.27 21.62
N ASP A 22 -13.93 5.03 20.67
CA ASP A 22 -14.33 4.43 19.40
C ASP A 22 -13.87 5.29 18.23
N LEU A 23 -12.57 5.21 17.95
CA LEU A 23 -11.92 5.49 16.66
C LEU A 23 -10.55 4.85 16.77
N SER A 24 -10.25 3.89 15.91
CA SER A 24 -9.01 3.12 16.03
C SER A 24 -7.84 3.90 15.43
N GLU A 25 -7.53 5.03 16.07
CA GLU A 25 -6.44 5.88 15.62
C GLU A 25 -5.95 6.70 16.81
N PRO A 26 -4.65 6.69 17.08
CA PRO A 26 -4.14 7.29 18.32
C PRO A 26 -3.92 8.79 18.28
N TYR A 27 -4.95 9.59 18.57
CA TYR A 27 -4.79 11.04 18.68
C TYR A 27 -4.45 11.46 20.10
N SER A 28 -3.61 12.49 20.22
CA SER A 28 -3.27 13.05 21.52
C SER A 28 -4.20 14.24 21.81
N LYS A 29 -3.90 14.98 22.88
CA LYS A 29 -4.75 16.11 23.25
C LYS A 29 -4.52 17.32 22.37
N TYR A 30 -3.32 17.49 21.83
CA TYR A 30 -3.00 18.63 21.00
C TYR A 30 -3.34 18.40 19.53
N VAL A 31 -4.02 17.32 19.21
CA VAL A 31 -4.55 17.12 17.87
C VAL A 31 -5.92 17.77 17.72
N TYR A 32 -6.75 17.67 18.76
CA TYR A 32 -8.04 18.36 18.75
C TYR A 32 -7.87 19.86 18.81
N ARG A 33 -6.86 20.35 19.55
CA ARG A 33 -6.61 21.77 19.66
C ARG A 33 -6.10 22.40 18.38
N TYR A 34 -5.58 21.61 17.44
CA TYR A 34 -5.16 22.13 16.16
C TYR A 34 -6.33 22.49 15.26
N PHE A 35 -7.45 21.78 15.38
CA PHE A 35 -8.62 22.06 14.56
C PHE A 35 -9.55 23.08 15.18
N VAL A 36 -9.54 23.25 16.51
CA VAL A 36 -10.56 24.05 17.18
C VAL A 36 -10.01 25.37 17.71
N HIS A 37 -8.69 25.58 17.69
CA HIS A 37 -8.18 26.89 18.03
C HIS A 37 -8.08 27.80 16.81
N GLN A 38 -8.14 27.23 15.60
CA GLN A 38 -8.04 28.00 14.37
C GLN A 38 -9.33 28.03 13.58
N TRP A 39 -10.07 26.92 13.51
CA TRP A 39 -11.36 26.87 12.83
C TRP A 39 -12.41 26.37 13.83
N PRO A 40 -12.89 27.22 14.73
CA PRO A 40 -13.87 26.76 15.72
C PRO A 40 -15.32 26.86 15.27
N GLU A 41 -15.60 27.52 14.16
CA GLU A 41 -16.96 27.66 13.66
C GLU A 41 -17.36 26.55 12.72
N PHE A 42 -16.53 25.51 12.58
CA PHE A 42 -16.83 24.38 11.73
C PHE A 42 -17.12 23.10 12.50
N SER A 43 -16.92 23.10 13.82
CA SER A 43 -17.11 21.93 14.64
C SER A 43 -18.39 22.08 15.45
N PHE A 44 -19.15 21.00 15.55
CA PHE A 44 -20.43 21.02 16.25
C PHE A 44 -20.53 19.87 17.23
N VAL A 45 -21.42 20.03 18.19
CA VAL A 45 -21.54 19.12 19.33
C VAL A 45 -23.03 18.85 19.55
N ALA A 46 -23.40 17.58 19.64
CA ALA A 46 -24.80 17.20 19.80
C ALA A 46 -25.07 16.76 21.24
N LEU A 47 -26.09 17.34 21.86
CA LEU A 47 -26.48 17.04 23.22
C LEU A 47 -27.86 16.40 23.26
N ASP A 48 -28.06 15.51 24.24
CA ASP A 48 -29.39 14.91 24.43
C ASP A 48 -30.29 15.87 25.19
N ASN A 49 -29.94 16.15 26.44
CA ASN A 49 -30.40 17.36 27.12
C ASN A 49 -29.23 18.25 27.47
N ASP A 50 -28.29 17.74 28.27
CA ASP A 50 -27.00 18.36 28.55
C ASP A 50 -25.89 17.32 28.47
N ARG A 51 -26.11 16.26 27.69
CA ARG A 51 -25.46 14.98 27.96
C ARG A 51 -24.30 14.64 27.05
N PHE A 52 -24.05 15.43 25.98
CA PHE A 52 -22.96 15.22 25.02
C PHE A 52 -23.07 13.84 24.35
N ILE A 53 -23.99 13.75 23.40
CA ILE A 53 -24.07 12.57 22.54
C ILE A 53 -23.35 12.92 21.24
N GLY A 54 -22.04 12.71 21.25
CA GLY A 54 -21.25 12.76 20.03
C GLY A 54 -20.98 14.17 19.51
N ALA A 55 -19.99 14.26 18.61
CA ALA A 55 -19.54 15.53 18.08
C ALA A 55 -18.87 15.31 16.74
N VAL A 56 -18.62 16.41 16.02
CA VAL A 56 -17.92 16.41 14.74
C VAL A 56 -16.85 17.48 14.79
N ILE A 57 -15.75 17.27 14.06
CA ILE A 57 -14.60 18.17 14.06
C ILE A 57 -14.14 18.37 12.63
N CYS A 58 -14.06 19.62 12.19
CA CYS A 58 -13.77 19.93 10.79
C CYS A 58 -12.73 21.04 10.69
N LYS A 59 -12.31 21.32 9.47
CA LYS A 59 -11.43 22.43 9.14
C LYS A 59 -11.70 22.85 7.70
N GLN A 60 -11.14 24.00 7.31
CA GLN A 60 -11.28 24.47 5.93
C GLN A 60 -10.11 25.40 5.59
N ASP A 61 -9.15 24.88 4.84
CA ASP A 61 -8.05 25.66 4.29
C ASP A 61 -8.13 25.70 2.78
N VAL A 62 -7.21 26.46 2.18
CA VAL A 62 -6.93 26.39 0.75
C VAL A 62 -5.90 25.29 0.54
N HIS A 63 -6.24 24.31 -0.28
CA HIS A 63 -5.50 23.06 -0.30
C HIS A 63 -4.10 23.16 -0.88
N ARG A 64 -3.99 23.43 -2.18
CA ARG A 64 -2.68 23.57 -2.81
C ARG A 64 -2.46 24.94 -3.40
N GLY A 65 -3.29 25.36 -4.36
CA GLY A 65 -3.12 26.66 -5.00
C GLY A 65 -4.34 27.54 -4.80
N THR A 66 -5.52 27.08 -5.17
CA THR A 66 -6.73 27.88 -5.06
C THR A 66 -7.94 27.11 -4.58
N THR A 67 -7.89 25.79 -4.52
CA THR A 67 -9.05 24.99 -4.15
C THR A 67 -9.27 25.10 -2.65
N LEU A 68 -10.29 25.84 -2.25
CA LEU A 68 -10.69 25.91 -0.85
C LEU A 68 -11.36 24.60 -0.47
N ARG A 69 -10.77 23.87 0.45
CA ARG A 69 -11.16 22.49 0.72
C ARG A 69 -11.56 22.33 2.18
N GLY A 70 -12.81 21.92 2.40
CA GLY A 70 -13.22 21.49 3.72
C GLY A 70 -12.78 20.08 4.01
N TYR A 71 -12.64 19.75 5.30
CA TYR A 71 -12.08 18.47 5.68
C TYR A 71 -12.74 18.02 6.98
N ILE A 72 -13.59 17.00 6.89
CA ILE A 72 -14.20 16.39 8.05
C ILE A 72 -13.14 15.56 8.76
N ALA A 73 -12.65 16.05 9.90
CA ALA A 73 -11.48 15.43 10.51
C ALA A 73 -11.85 14.18 11.29
N MET A 74 -12.89 14.24 12.12
CA MET A 74 -13.32 13.09 12.91
C MET A 74 -14.76 13.28 13.33
N LEU A 75 -15.48 12.16 13.48
CA LEU A 75 -16.91 12.16 13.76
C LEU A 75 -17.28 10.87 14.47
N ALA A 76 -17.94 10.98 15.61
CA ALA A 76 -18.35 9.79 16.35
C ALA A 76 -19.55 10.13 17.22
N ILE A 77 -20.32 9.09 17.55
CA ILE A 77 -21.48 9.16 18.44
C ILE A 77 -21.30 8.05 19.48
N VAL A 78 -21.80 8.28 20.70
CA VAL A 78 -21.90 7.21 21.69
C VAL A 78 -22.73 6.05 21.16
N LYS A 79 -22.42 4.84 21.63
CA LYS A 79 -23.01 3.64 21.09
C LYS A 79 -24.50 3.50 21.41
N GLU A 80 -24.97 4.15 22.46
CA GLU A 80 -26.37 4.04 22.85
C GLU A 80 -27.28 4.98 22.05
N TYR A 81 -26.72 5.82 21.19
CA TYR A 81 -27.50 6.82 20.47
C TYR A 81 -27.31 6.75 18.96
N ARG A 82 -26.83 5.64 18.45
CA ARG A 82 -26.67 5.49 17.01
C ARG A 82 -27.95 4.99 16.38
N GLY A 83 -28.10 5.26 15.09
CA GLY A 83 -29.24 4.81 14.33
C GLY A 83 -30.44 5.72 14.37
N GLN A 84 -30.45 6.74 15.22
CA GLN A 84 -31.65 7.54 15.41
C GLN A 84 -31.77 8.65 14.38
N GLY A 85 -30.66 9.25 13.98
CA GLY A 85 -30.71 10.39 13.09
C GLY A 85 -29.78 11.49 13.54
N ILE A 86 -29.10 11.27 14.67
CA ILE A 86 -27.97 12.10 15.02
C ILE A 86 -26.80 11.72 14.14
N ALA A 87 -25.84 12.65 14.00
CA ALA A 87 -24.72 12.61 13.07
C ALA A 87 -25.16 12.53 11.62
N THR A 88 -26.37 12.98 11.30
CA THR A 88 -26.69 13.39 9.95
C THR A 88 -27.41 14.72 9.92
N LYS A 89 -27.83 15.23 11.08
CA LYS A 89 -28.11 16.63 11.27
C LYS A 89 -27.02 17.29 12.09
N LEU A 90 -26.00 16.54 12.49
CA LEU A 90 -24.79 17.06 13.12
C LEU A 90 -23.70 17.30 12.11
N THR A 91 -23.56 16.43 11.12
CA THR A 91 -22.59 16.65 10.06
C THR A 91 -23.16 17.47 8.91
N GLN A 92 -24.49 17.52 8.76
CA GLN A 92 -25.07 18.43 7.78
C GLN A 92 -24.99 19.88 8.26
N ALA A 93 -25.05 20.08 9.58
CA ALA A 93 -24.83 21.40 10.15
C ALA A 93 -23.38 21.85 9.98
N SER A 94 -22.45 20.93 9.83
CA SER A 94 -21.07 21.24 9.52
C SER A 94 -20.82 21.35 8.03
N LEU A 95 -21.63 20.69 7.20
CA LEU A 95 -21.52 20.83 5.75
C LEU A 95 -22.16 22.11 5.23
N ASP A 96 -22.98 22.78 6.04
CA ASP A 96 -23.57 24.05 5.64
C ASP A 96 -22.68 25.23 5.92
N VAL A 97 -21.81 25.14 6.94
CA VAL A 97 -20.90 26.24 7.24
C VAL A 97 -19.80 26.30 6.19
N MET A 98 -19.28 25.15 5.77
CA MET A 98 -18.25 25.10 4.74
C MET A 98 -18.82 25.04 3.34
N LYS A 99 -20.05 25.49 3.15
CA LYS A 99 -20.62 25.60 1.81
C LYS A 99 -21.02 27.04 1.56
N ASN A 100 -21.50 27.73 2.61
CA ASN A 100 -21.75 29.15 2.53
C ASN A 100 -20.48 29.98 2.55
N ARG A 101 -19.38 29.45 3.07
CA ARG A 101 -18.09 30.11 2.98
C ARG A 101 -17.35 29.75 1.71
N GLY A 102 -17.92 28.90 0.86
CA GLY A 102 -17.44 28.74 -0.49
C GLY A 102 -16.32 27.74 -0.68
N ALA A 103 -16.50 26.52 -0.21
CA ALA A 103 -15.54 25.48 -0.54
C ALA A 103 -15.87 24.87 -1.89
N GLN A 104 -14.83 24.36 -2.55
CA GLN A 104 -14.98 23.76 -3.86
C GLN A 104 -14.79 22.26 -3.84
N GLU A 105 -14.42 21.70 -2.69
CA GLU A 105 -14.35 20.25 -2.48
C GLU A 105 -14.38 20.02 -0.98
N ILE A 106 -14.91 18.87 -0.57
CA ILE A 106 -14.97 18.47 0.83
C ILE A 106 -14.49 17.04 0.90
N VAL A 107 -13.33 16.82 1.53
CA VAL A 107 -12.76 15.49 1.58
C VAL A 107 -12.79 14.96 3.01
N LEU A 108 -12.62 13.65 3.11
CA LEU A 108 -12.53 12.92 4.38
C LEU A 108 -11.95 11.55 4.08
N GLU A 109 -11.22 10.99 5.04
CA GLU A 109 -10.68 9.66 4.93
C GLU A 109 -11.39 8.74 5.91
N THR A 110 -11.83 7.58 5.43
CA THR A 110 -12.43 6.58 6.28
C THR A 110 -11.76 5.24 6.03
N GLU A 111 -11.98 4.30 6.94
CA GLU A 111 -11.39 2.98 6.84
C GLU A 111 -12.09 2.18 5.76
N VAL A 112 -11.43 1.13 5.29
CA VAL A 112 -11.96 0.30 4.21
C VAL A 112 -12.97 -0.72 4.75
N ASP A 113 -12.62 -1.42 5.83
CA ASP A 113 -13.53 -2.42 6.37
C ASP A 113 -14.67 -1.82 7.17
N ASN A 114 -14.54 -0.57 7.60
CA ASN A 114 -15.56 0.10 8.39
C ASN A 114 -16.74 0.43 7.49
N GLU A 115 -17.80 -0.37 7.59
CA GLU A 115 -18.92 -0.28 6.65
C GLU A 115 -20.03 0.62 7.14
N ALA A 116 -20.19 0.76 8.46
CA ALA A 116 -21.28 1.57 9.01
C ALA A 116 -21.04 3.06 8.83
N ALA A 117 -19.82 3.49 8.55
CA ALA A 117 -19.54 4.89 8.28
C ALA A 117 -18.90 5.08 6.91
N MET A 118 -19.11 4.15 6.00
CA MET A 118 -18.80 4.39 4.60
C MET A 118 -20.02 4.20 3.70
N SER A 119 -21.07 3.53 4.17
CA SER A 119 -22.38 3.60 3.54
C SER A 119 -23.21 4.74 4.07
N PHE A 120 -22.72 5.41 5.13
CA PHE A 120 -23.32 6.61 5.67
C PHE A 120 -22.91 7.84 4.88
N TYR A 121 -21.64 7.93 4.48
CA TYR A 121 -21.16 9.09 3.76
C TYR A 121 -21.61 9.11 2.32
N GLU A 122 -21.93 7.96 1.73
CA GLU A 122 -22.49 7.93 0.39
C GLU A 122 -23.90 8.50 0.36
N ARG A 123 -24.62 8.44 1.49
CA ARG A 123 -25.96 9.00 1.57
C ARG A 123 -25.97 10.52 1.51
N LEU A 124 -24.83 11.16 1.78
CA LEU A 124 -24.73 12.61 1.73
C LEU A 124 -24.18 13.12 0.41
N GLY A 125 -23.73 12.23 -0.48
CA GLY A 125 -23.22 12.63 -1.77
C GLY A 125 -21.74 12.35 -1.98
N PHE A 126 -21.04 11.82 -1.00
CA PHE A 126 -19.62 11.55 -1.12
C PHE A 126 -19.38 10.28 -1.92
N CYS A 127 -18.35 10.29 -2.75
CA CYS A 127 -17.94 9.10 -3.48
C CYS A 127 -16.45 8.91 -3.33
N ARG A 128 -16.01 7.66 -3.52
CA ARG A 128 -14.61 7.32 -3.32
C ARG A 128 -13.75 7.92 -4.40
N TYR A 129 -12.66 8.56 -3.99
CA TYR A 129 -11.80 9.34 -4.87
C TYR A 129 -10.40 8.75 -5.01
N LYS A 130 -9.84 8.23 -3.91
CA LYS A 130 -8.57 7.54 -3.94
C LYS A 130 -8.66 6.34 -3.02
N ARG A 131 -7.68 5.44 -3.13
CA ARG A 131 -7.49 4.38 -2.16
C ARG A 131 -6.07 4.47 -1.65
N LEU A 132 -5.92 4.45 -0.33
CA LEU A 132 -4.63 4.69 0.31
C LEU A 132 -4.13 3.38 0.89
N TYR A 133 -3.06 2.85 0.34
CA TYR A 133 -2.55 1.54 0.71
C TYR A 133 -1.87 1.60 2.07
N ARG A 134 -2.46 0.90 3.05
CA ARG A 134 -1.98 0.80 4.42
C ARG A 134 -1.80 2.18 5.06
N TYR A 135 -2.91 2.92 5.09
CA TYR A 135 -2.88 4.30 5.56
C TYR A 135 -2.74 4.36 7.08
N TYR A 136 -3.68 3.75 7.78
CA TYR A 136 -3.66 3.76 9.23
C TYR A 136 -2.61 2.80 9.76
N LEU A 137 -2.32 2.89 11.05
CA LEU A 137 -1.30 2.05 11.64
C LEU A 137 -1.87 0.74 12.18
N ASN A 138 -2.67 0.10 11.36
CA ASN A 138 -3.05 -1.29 11.55
C ASN A 138 -2.75 -2.13 10.33
N GLY A 139 -2.16 -1.55 9.29
CA GLY A 139 -2.05 -2.21 8.01
C GLY A 139 -3.32 -2.18 7.20
N THR A 140 -4.34 -1.46 7.64
CA THR A 140 -5.59 -1.40 6.92
C THR A 140 -5.60 -0.22 5.96
N ASP A 141 -6.22 -0.42 4.81
CA ASP A 141 -6.26 0.63 3.80
C ASP A 141 -7.29 1.68 4.18
N ALA A 142 -7.40 2.71 3.35
CA ALA A 142 -8.37 3.76 3.57
C ALA A 142 -8.88 4.29 2.25
N PHE A 143 -10.15 4.64 2.22
CA PHE A 143 -10.71 5.36 1.09
C PHE A 143 -10.72 6.84 1.40
N ARG A 144 -10.51 7.64 0.37
CA ARG A 144 -10.62 9.09 0.46
C ARG A 144 -11.89 9.49 -0.27
N TYR A 145 -12.86 10.02 0.47
CA TYR A 145 -14.12 10.43 -0.13
C TYR A 145 -14.03 11.90 -0.52
N ILE A 146 -14.89 12.31 -1.45
CA ILE A 146 -14.89 13.69 -1.91
C ILE A 146 -16.32 14.05 -2.32
N LEU A 147 -16.64 15.34 -2.20
CA LEU A 147 -17.92 15.89 -2.63
C LEU A 147 -17.65 17.26 -3.24
N TYR A 148 -18.19 17.51 -4.41
CA TYR A 148 -18.03 18.80 -5.08
C TYR A 148 -19.35 19.57 -5.02
N PRO A 149 -19.53 20.47 -4.05
CA PRO A 149 -20.81 21.19 -3.93
C PRO A 149 -20.91 22.36 -4.89
N ALA B 35 19.11 17.59 31.21
CA ALA B 35 18.90 17.12 32.57
C ALA B 35 18.13 18.16 33.37
N GLY B 36 17.92 17.87 34.65
CA GLY B 36 17.25 18.82 35.52
C GLY B 36 17.90 18.89 36.87
N TYR B 37 18.33 20.08 37.29
CA TYR B 37 19.06 20.24 38.53
C TYR B 37 18.22 20.90 39.62
N VAL B 38 17.65 22.08 39.37
CA VAL B 38 16.88 22.74 40.41
C VAL B 38 15.43 22.30 40.32
N ASP B 39 14.83 22.02 41.46
CA ASP B 39 13.50 21.41 41.53
C ASP B 39 12.44 22.49 41.70
N CYS B 40 11.50 22.54 40.76
CA CYS B 40 10.34 23.42 40.87
C CYS B 40 9.11 22.65 40.38
N THR B 41 8.44 21.97 41.31
CA THR B 41 7.17 21.32 41.05
C THR B 41 6.00 22.11 41.60
N LYS B 42 6.13 22.61 42.84
CA LYS B 42 5.11 23.48 43.41
C LYS B 42 5.02 24.80 42.66
N SER B 43 6.15 25.29 42.15
CA SER B 43 6.16 26.51 41.37
C SER B 43 5.61 26.31 39.97
N TYR B 44 5.53 25.07 39.49
CA TYR B 44 4.98 24.77 38.18
C TYR B 44 3.48 24.53 38.21
N PHE B 45 2.97 23.84 39.23
CA PHE B 45 1.56 23.54 39.32
C PHE B 45 0.75 24.66 39.94
N GLU B 46 1.35 25.82 40.19
CA GLU B 46 0.61 27.01 40.51
C GLU B 46 0.86 28.12 39.51
N ALA B 47 1.75 27.92 38.55
CA ALA B 47 1.92 28.83 37.44
C ALA B 47 1.12 28.40 36.21
N THR B 48 0.76 27.12 36.12
CA THR B 48 -0.13 26.67 35.06
C THR B 48 -1.59 26.81 35.43
N LYS B 49 -1.92 26.72 36.72
CA LYS B 49 -3.29 26.89 37.19
C LYS B 49 -3.68 28.36 37.33
N SER B 50 -2.82 29.28 36.94
CA SER B 50 -3.16 30.69 36.86
C SER B 50 -3.36 31.14 35.42
N LEU B 51 -3.34 30.21 34.47
CA LEU B 51 -3.55 30.53 33.07
C LEU B 51 -5.03 30.72 32.78
N LYS B 52 -5.34 31.01 31.53
CA LYS B 52 -6.72 31.21 31.08
C LYS B 52 -7.38 29.88 30.79
N GLU B 53 -8.54 29.91 30.12
CA GLU B 53 -9.30 28.68 29.88
C GLU B 53 -8.60 27.76 28.90
N GLU B 54 -8.25 28.27 27.72
CA GLU B 54 -7.64 27.42 26.71
C GLU B 54 -6.48 28.14 26.03
N GLN B 55 -5.63 28.79 26.82
CA GLN B 55 -4.44 29.40 26.25
C GLN B 55 -3.22 28.53 26.51
N LEU B 56 -2.20 28.70 25.69
CA LEU B 56 -0.98 27.92 25.77
C LEU B 56 0.21 28.87 25.93
N VAL B 57 1.15 28.49 26.78
CA VAL B 57 2.40 29.22 26.93
C VAL B 57 3.42 28.44 26.10
N CYS B 58 3.56 28.83 24.84
CA CYS B 58 4.43 28.13 23.90
C CYS B 58 5.34 29.13 23.21
N ASP B 59 6.25 28.60 22.40
CA ASP B 59 7.14 29.44 21.61
C ASP B 59 6.35 30.25 20.59
N PRO B 60 6.86 31.40 20.14
CA PRO B 60 6.23 32.09 19.01
C PRO B 60 6.34 31.31 17.71
N LYS B 61 7.32 30.41 17.59
CA LYS B 61 7.48 29.54 16.44
C LYS B 61 7.11 28.08 16.75
N PHE B 62 6.17 27.86 17.67
CA PHE B 62 5.82 26.49 18.00
C PHE B 62 4.91 25.87 16.94
N THR B 63 3.83 26.58 16.55
CA THR B 63 2.97 26.26 15.41
C THR B 63 2.33 24.87 15.49
N LEU B 64 1.23 24.77 16.25
CA LEU B 64 0.50 23.55 16.66
C LEU B 64 0.36 22.42 15.65
N LEU B 65 0.48 22.72 14.35
CA LEU B 65 0.59 21.68 13.33
C LEU B 65 1.79 20.77 13.57
N ASP B 66 2.87 21.29 14.15
CA ASP B 66 4.05 20.47 14.42
C ASP B 66 3.78 19.44 15.50
N SER B 67 3.00 19.79 16.51
CA SER B 67 2.74 18.90 17.64
C SER B 67 1.48 18.07 17.44
N ILE B 68 1.35 17.37 16.31
CA ILE B 68 0.26 16.43 16.11
C ILE B 68 0.76 15.00 15.93
N SER B 69 2.06 14.79 15.90
CA SER B 69 2.64 13.46 15.91
C SER B 69 3.27 13.11 17.25
N ALA B 70 2.97 13.86 18.29
CA ALA B 70 3.58 13.63 19.60
C ALA B 70 2.86 12.52 20.33
N PHE B 71 3.60 11.79 21.15
CA PHE B 71 3.05 10.76 22.00
C PHE B 71 2.41 11.38 23.24
N GLU B 72 1.42 10.71 23.80
CA GLU B 72 0.80 11.15 25.05
C GLU B 72 1.02 10.04 26.07
N ILE B 73 2.16 10.17 26.73
CA ILE B 73 2.70 9.11 27.62
C ILE B 73 2.04 9.03 28.96
N MET B 74 1.05 8.13 28.98
CA MET B 74 0.34 7.52 30.11
C MET B 74 -0.93 6.89 29.61
N GLU B 75 -1.24 7.02 28.35
CA GLU B 75 -2.40 6.27 27.92
C GLU B 75 -1.99 5.18 26.94
N PRO B 76 -2.67 4.02 26.96
CA PRO B 76 -2.34 2.97 25.99
C PRO B 76 -2.70 3.38 24.58
N LYS B 77 -2.06 2.71 23.62
CA LYS B 77 -2.03 2.91 22.16
C LYS B 77 -1.21 4.13 21.75
N MET B 78 -0.75 4.95 22.70
CA MET B 78 0.22 6.00 22.42
C MET B 78 1.63 5.54 22.78
N ASP B 79 1.86 5.14 24.03
CA ASP B 79 3.15 4.64 24.46
C ASP B 79 3.08 3.14 24.73
N SER B 80 4.22 2.58 25.13
CA SER B 80 4.31 1.14 25.29
C SER B 80 5.10 0.73 26.53
N GLY B 81 5.54 1.66 27.36
CA GLY B 81 6.41 1.32 28.46
C GLY B 81 5.70 1.12 29.78
N ILE B 82 4.41 0.84 29.75
CA ILE B 82 3.63 0.66 30.96
C ILE B 82 3.80 -0.78 31.45
N ASP B 83 4.53 -0.95 32.55
CA ASP B 83 4.75 -2.22 33.26
C ASP B 83 5.39 -3.27 32.36
N TYR B 84 6.65 -3.00 31.99
CA TYR B 84 7.31 -3.83 30.98
C TYR B 84 7.83 -5.14 31.54
N GLN B 85 8.79 -5.09 32.51
CA GLN B 85 9.51 -6.25 33.06
C GLN B 85 10.20 -7.13 32.01
N PRO B 86 11.41 -6.72 31.51
CA PRO B 86 12.06 -7.34 30.35
C PRO B 86 12.63 -8.76 30.48
N LEU B 87 11.81 -9.67 30.99
CA LEU B 87 11.82 -11.12 30.74
C LEU B 87 12.95 -11.98 31.31
N ARG B 88 14.14 -11.41 31.58
CA ARG B 88 15.30 -12.12 32.18
C ARG B 88 15.59 -13.48 31.52
N VAL B 89 16.13 -13.42 30.29
CA VAL B 89 16.01 -14.49 29.29
C VAL B 89 16.59 -15.83 29.77
N ASP B 90 17.79 -15.83 30.38
CA ASP B 90 18.41 -16.98 31.04
C ASP B 90 18.63 -18.16 30.06
N PHE B 91 19.58 -17.96 29.15
CA PHE B 91 19.88 -18.94 28.11
C PHE B 91 20.42 -20.27 28.62
N SER B 92 20.93 -20.33 29.84
CA SER B 92 21.66 -21.51 30.31
C SER B 92 20.73 -22.68 30.60
N ARG B 93 20.19 -23.29 29.55
CA ARG B 93 19.20 -24.34 29.67
C ARG B 93 19.11 -25.07 28.33
N ASP B 94 19.19 -26.40 28.38
CA ASP B 94 19.14 -27.19 27.17
C ASP B 94 17.72 -27.31 26.65
N LEU B 95 17.56 -27.19 25.34
CA LEU B 95 16.26 -27.34 24.69
C LEU B 95 16.17 -28.71 24.04
N SER B 96 15.03 -29.35 24.17
CA SER B 96 14.78 -30.62 23.51
C SER B 96 14.50 -30.37 22.03
N TYR B 97 14.33 -31.44 21.25
CA TYR B 97 13.98 -31.26 19.85
C TYR B 97 12.49 -31.08 19.65
N LEU B 98 11.84 -30.26 20.46
CA LEU B 98 10.52 -29.73 20.16
C LEU B 98 10.39 -28.27 20.51
N GLU B 99 11.19 -27.76 21.44
CA GLU B 99 11.35 -26.33 21.63
C GLU B 99 12.36 -25.74 20.67
N ILE B 100 13.05 -26.58 19.91
CA ILE B 100 13.86 -26.09 18.79
C ILE B 100 13.02 -25.97 17.54
N LEU B 101 12.19 -26.97 17.26
CA LEU B 101 11.33 -26.93 16.08
C LEU B 101 10.22 -25.90 16.22
N ALA B 102 9.72 -25.67 17.42
CA ALA B 102 8.72 -24.64 17.61
C ALA B 102 9.32 -23.25 17.54
N LEU B 103 10.58 -23.08 17.96
CA LEU B 103 11.25 -21.81 17.81
C LEU B 103 11.68 -21.56 16.38
N MET B 104 11.96 -22.62 15.61
CA MET B 104 12.30 -22.46 14.22
C MET B 104 11.10 -22.02 13.39
N ASP B 105 9.90 -22.36 13.83
CA ASP B 105 8.69 -21.94 13.16
C ASP B 105 8.18 -20.60 13.65
N LEU B 106 8.51 -20.21 14.87
CA LEU B 106 8.10 -18.92 15.38
C LEU B 106 8.99 -17.79 14.88
N ILE B 107 10.23 -18.11 14.53
CA ILE B 107 11.16 -17.09 14.02
C ILE B 107 10.93 -16.87 12.53
N VAL B 108 10.66 -17.94 11.78
CA VAL B 108 10.34 -17.81 10.35
C VAL B 108 9.03 -17.06 10.17
N SER B 109 8.02 -17.39 10.98
CA SER B 109 6.76 -16.65 10.95
C SER B 109 6.88 -15.23 11.47
N ALA B 110 7.97 -14.89 12.14
CA ALA B 110 8.22 -13.54 12.60
C ALA B 110 8.89 -12.67 11.53
N GLU B 111 9.85 -13.22 10.80
CA GLU B 111 10.54 -12.44 9.78
C GLU B 111 9.79 -12.40 8.46
N LYS B 112 8.85 -13.31 8.25
CA LYS B 112 8.02 -13.28 7.06
C LYS B 112 6.83 -12.35 7.21
N GLU B 113 6.60 -11.80 8.39
CA GLU B 113 5.62 -10.75 8.57
C GLU B 113 6.26 -9.38 8.77
N TRP B 114 7.59 -9.33 8.88
CA TRP B 114 8.29 -8.06 8.70
C TRP B 114 8.43 -7.72 7.22
N HIS B 115 8.53 -8.74 6.37
CA HIS B 115 8.56 -8.54 4.92
C HIS B 115 7.26 -7.98 4.37
N TYR B 116 6.16 -8.16 5.09
CA TYR B 116 4.83 -7.79 4.63
C TYR B 116 4.22 -6.69 5.48
N GLY B 117 4.99 -5.65 5.80
CA GLY B 117 4.43 -4.66 6.71
C GLY B 117 5.21 -4.39 7.97
N SER B 118 4.68 -4.90 9.09
CA SER B 118 4.96 -4.67 10.51
C SER B 118 6.43 -4.44 10.84
N PRO B 119 6.73 -3.50 11.75
CA PRO B 119 8.12 -3.09 11.98
C PRO B 119 8.96 -4.19 12.59
N LEU B 120 10.27 -3.93 12.67
CA LEU B 120 11.20 -4.96 13.13
C LEU B 120 11.05 -5.20 14.63
N SER B 121 10.87 -4.14 15.40
CA SER B 121 10.37 -4.31 16.76
C SER B 121 8.94 -4.81 16.70
N GLU B 122 8.56 -5.58 17.72
CA GLU B 122 7.28 -6.31 17.85
C GLU B 122 6.88 -7.13 16.62
N SER B 123 7.84 -7.50 15.76
CA SER B 123 7.66 -8.67 14.92
C SER B 123 8.79 -9.68 15.13
N LEU B 124 10.03 -9.25 14.92
CA LEU B 124 11.19 -10.14 14.87
C LEU B 124 12.16 -9.94 16.01
N LEU B 125 12.34 -8.70 16.46
CA LEU B 125 13.19 -8.43 17.62
C LEU B 125 12.55 -8.85 18.93
N CYS B 126 11.30 -9.30 18.91
CA CYS B 126 10.59 -9.77 20.09
C CYS B 126 10.86 -11.24 20.38
N SER B 127 11.95 -11.79 19.85
CA SER B 127 12.15 -13.23 19.85
C SER B 127 13.21 -13.71 20.84
N ALA B 128 13.93 -12.79 21.48
CA ALA B 128 14.83 -13.04 22.62
C ALA B 128 16.07 -13.89 22.30
N HIS B 129 16.16 -14.42 21.09
CA HIS B 129 17.37 -15.03 20.54
C HIS B 129 17.97 -14.17 19.44
N VAL B 130 17.14 -13.64 18.55
CA VAL B 130 17.56 -12.62 17.61
C VAL B 130 17.91 -11.32 18.34
N PHE B 131 17.16 -11.01 19.40
CA PHE B 131 17.43 -9.79 20.16
C PHE B 131 18.72 -9.89 20.96
N SER B 132 19.17 -11.09 21.29
CA SER B 132 20.43 -11.25 21.99
C SER B 132 21.64 -11.09 21.07
N ILE B 133 21.47 -11.33 19.79
CA ILE B 133 22.57 -11.20 18.83
C ILE B 133 22.60 -9.83 18.18
N CYS B 134 21.43 -9.33 17.77
CA CYS B 134 21.32 -7.96 17.24
C CYS B 134 21.19 -7.00 18.41
N LYS B 135 22.31 -6.78 19.11
CA LYS B 135 22.34 -5.89 20.26
C LYS B 135 23.76 -5.40 20.52
N SER B 144 30.18 -19.84 18.33
CA SER B 144 30.22 -19.41 19.73
C SER B 144 29.11 -20.06 20.53
N GLY B 145 27.88 -19.78 20.15
CA GLY B 145 26.70 -20.29 20.84
C GLY B 145 25.97 -19.19 21.59
N PHE B 146 24.90 -19.61 22.27
CA PHE B 146 24.13 -18.69 23.10
C PHE B 146 24.62 -18.66 24.53
N SER B 147 25.03 -19.80 25.07
CA SER B 147 25.44 -19.88 26.46
C SER B 147 26.84 -19.31 26.65
N SER B 148 27.07 -18.75 27.84
CA SER B 148 28.38 -18.21 28.19
C SER B 148 29.37 -19.33 28.48
N GLY B 149 28.93 -20.35 29.20
CA GLY B 149 29.73 -21.53 29.46
C GLY B 149 29.70 -22.47 28.28
N SER B 150 30.47 -22.14 27.24
CA SER B 150 30.39 -22.81 25.94
C SER B 150 30.86 -24.25 26.00
N GLY B 151 29.90 -25.17 25.99
CA GLY B 151 30.19 -26.59 25.91
C GLY B 151 29.54 -27.22 24.70
N ARG B 152 28.86 -26.36 23.91
CA ARG B 152 28.24 -26.69 22.62
C ARG B 152 27.19 -27.80 22.77
N ASN B 153 26.13 -27.46 23.49
CA ASN B 153 24.95 -28.32 23.58
C ASN B 153 24.15 -28.28 22.28
N THR B 154 23.02 -28.97 22.23
CA THR B 154 22.29 -29.11 20.97
C THR B 154 21.45 -27.89 20.60
N THR B 155 21.61 -26.77 21.29
CA THR B 155 21.01 -25.51 20.88
C THR B 155 22.04 -24.61 20.22
N ASP B 156 23.30 -24.70 20.62
CA ASP B 156 24.35 -23.97 19.94
C ASP B 156 24.80 -24.63 18.65
N ILE B 157 24.66 -25.94 18.53
CA ILE B 157 25.01 -26.61 17.29
C ILE B 157 23.89 -26.45 16.27
N VAL B 158 22.63 -26.53 16.70
CA VAL B 158 21.50 -26.61 15.77
C VAL B 158 20.82 -25.25 15.62
N LEU B 159 20.39 -24.65 16.73
CA LEU B 159 19.57 -23.45 16.64
C LEU B 159 20.41 -22.21 16.33
N PHE B 160 21.63 -22.15 16.85
CA PHE B 160 22.46 -20.96 16.68
C PHE B 160 22.91 -20.68 15.24
N PRO B 161 23.27 -21.67 14.40
CA PRO B 161 23.46 -21.33 12.98
C PRO B 161 22.17 -20.97 12.26
N PHE B 162 21.01 -21.39 12.76
CA PHE B 162 19.76 -20.97 12.15
C PHE B 162 19.48 -19.50 12.42
N VAL B 163 19.67 -19.05 13.66
CA VAL B 163 19.41 -17.66 14.03
C VAL B 163 20.41 -16.73 13.36
N LEU B 164 21.65 -17.18 13.17
CA LEU B 164 22.63 -16.38 12.44
C LEU B 164 22.25 -16.20 10.98
N ALA B 165 21.56 -17.18 10.39
CA ALA B 165 21.18 -17.05 8.99
C ALA B 165 19.94 -16.19 8.81
N VAL B 166 19.01 -16.18 9.77
CA VAL B 166 17.86 -15.30 9.69
C VAL B 166 18.29 -13.85 9.83
N ILE B 167 19.29 -13.59 10.67
CA ILE B 167 19.80 -12.24 10.84
C ILE B 167 20.58 -11.81 9.61
N LYS B 168 21.37 -12.71 9.03
CA LYS B 168 22.11 -12.40 7.81
C LYS B 168 21.19 -12.25 6.61
N CYS B 169 20.06 -12.97 6.59
CA CYS B 169 19.06 -12.75 5.56
C CYS B 169 18.38 -11.40 5.72
N CYS B 170 18.21 -10.95 6.95
CA CYS B 170 17.58 -9.66 7.23
C CYS B 170 18.54 -8.49 7.12
N ASP B 171 19.74 -8.71 6.59
CA ASP B 171 20.66 -7.64 6.21
C ASP B 171 20.67 -7.42 4.71
N ILE B 172 20.64 -8.51 3.93
CA ILE B 172 20.54 -8.41 2.48
C ILE B 172 19.18 -7.86 2.08
N VAL B 173 18.13 -8.21 2.82
CA VAL B 173 16.81 -7.68 2.55
C VAL B 173 16.73 -6.22 2.97
N HIS B 174 17.38 -5.86 4.07
CA HIS B 174 17.25 -4.52 4.63
C HIS B 174 17.90 -3.46 3.76
N ARG B 175 19.05 -3.76 3.16
CA ARG B 175 19.69 -2.79 2.27
C ARG B 175 19.17 -2.89 0.84
N GLU B 176 18.21 -3.79 0.58
CA GLU B 176 17.36 -3.66 -0.59
C GLU B 176 16.19 -2.73 -0.30
N PHE B 177 15.75 -2.68 0.96
CA PHE B 177 14.66 -1.79 1.34
C PHE B 177 15.08 -0.34 1.32
N LEU B 178 16.35 -0.06 1.57
CA LEU B 178 16.88 1.30 1.58
C LEU B 178 17.33 1.76 0.20
N MET B 179 17.03 1.00 -0.85
CA MET B 179 17.46 1.36 -2.19
C MET B 179 16.58 2.43 -2.82
N GLY B 180 15.47 2.79 -2.19
CA GLY B 180 14.65 3.88 -2.68
C GLY B 180 13.70 3.52 -3.80
N ASN B 181 13.20 2.29 -3.82
CA ASN B 181 12.23 1.88 -4.83
C ASN B 181 10.82 1.73 -4.28
N LEU B 182 10.62 1.90 -2.98
CA LEU B 182 9.33 1.76 -2.34
C LEU B 182 9.02 3.02 -1.55
N TYR B 183 7.95 2.97 -0.77
CA TYR B 183 7.54 4.07 0.08
C TYR B 183 7.66 3.64 1.53
N ASP B 184 8.12 4.58 2.37
CA ASP B 184 8.73 4.24 3.65
C ASP B 184 7.72 3.86 4.71
N GLU B 185 6.42 4.12 4.51
CA GLU B 185 5.43 3.72 5.50
C GLU B 185 4.20 3.02 4.92
N GLU B 186 3.83 3.29 3.67
CA GLU B 186 2.73 2.55 3.04
C GLU B 186 3.14 1.11 2.81
N ASP B 187 4.32 0.92 2.26
CA ASP B 187 4.98 -0.37 2.12
C ASP B 187 5.65 -0.74 3.45
N ILE B 188 6.76 -1.48 3.44
CA ILE B 188 7.57 -1.80 4.60
C ILE B 188 7.82 -0.63 5.55
N SER B 189 7.92 -0.96 6.83
CA SER B 189 8.53 -0.11 7.85
C SER B 189 9.95 -0.65 8.01
N SER B 190 10.90 0.00 7.35
N SER B 190 10.90 0.00 7.35
CA SER B 190 12.26 -0.51 7.27
CA SER B 190 12.26 -0.51 7.27
C SER B 190 13.22 0.15 8.25
C SER B 190 13.22 0.15 8.25
N PHE B 191 12.74 0.67 9.37
CA PHE B 191 13.64 1.24 10.35
C PHE B 191 14.30 0.12 11.15
N SER B 192 15.63 0.10 11.16
CA SER B 192 16.41 -0.81 11.97
C SER B 192 16.74 -0.11 13.27
N TYR B 193 16.23 -0.63 14.38
CA TYR B 193 16.21 0.10 15.64
C TYR B 193 17.59 0.13 16.31
N HIS B 194 18.55 0.80 15.64
CA HIS B 194 19.96 0.88 16.02
C HIS B 194 20.57 -0.50 16.24
N MET B 195 20.18 -1.47 15.43
CA MET B 195 20.68 -2.82 15.53
C MET B 195 21.71 -3.09 14.44
N SER B 196 22.40 -4.21 14.58
CA SER B 196 23.47 -4.60 13.66
C SER B 196 23.19 -6.01 13.17
N PHE B 197 22.89 -6.16 11.89
CA PHE B 197 22.57 -7.48 11.36
C PHE B 197 23.79 -8.20 10.81
N LEU B 198 24.87 -8.23 11.60
CA LEU B 198 26.11 -8.97 11.31
C LEU B 198 26.71 -8.59 9.97
N GLN B 199 27.05 -7.31 9.84
CA GLN B 199 27.65 -6.85 8.59
C GLN B 199 29.10 -7.28 8.48
N ASN B 200 29.75 -7.54 9.61
CA ASN B 200 31.14 -7.97 9.63
C ASN B 200 31.29 -9.45 9.97
N TYR B 201 30.24 -10.24 9.77
CA TYR B 201 30.32 -11.67 9.95
C TYR B 201 30.49 -12.33 8.60
N PRO B 202 31.55 -13.10 8.37
CA PRO B 202 31.79 -13.65 7.04
C PRO B 202 30.83 -14.77 6.70
N ILE B 203 30.42 -14.82 5.42
CA ILE B 203 29.51 -15.86 4.96
C ILE B 203 30.18 -17.22 4.84
N GLU B 204 31.52 -17.27 4.89
CA GLU B 204 32.20 -18.56 4.89
C GLU B 204 32.14 -19.21 6.26
N LYS B 205 32.22 -18.42 7.33
CA LYS B 205 32.04 -18.96 8.68
C LYS B 205 30.59 -19.35 8.93
N LEU B 206 29.65 -18.64 8.32
CA LEU B 206 28.24 -18.98 8.47
C LEU B 206 27.86 -20.20 7.64
N ASN B 207 28.54 -20.43 6.52
CA ASN B 207 28.29 -21.63 5.74
C ASN B 207 28.88 -22.87 6.38
N TYR B 208 29.88 -22.73 7.25
CA TYR B 208 30.47 -23.87 7.93
C TYR B 208 29.78 -24.21 9.24
N LEU B 209 29.24 -23.20 9.94
CA LEU B 209 28.43 -23.48 11.12
C LEU B 209 27.12 -24.15 10.74
N LEU B 210 26.57 -23.78 9.59
CA LEU B 210 25.25 -24.26 9.19
C LEU B 210 25.31 -25.61 8.51
N GLN B 211 26.41 -25.93 7.83
CA GLN B 211 26.61 -27.26 7.29
C GLN B 211 26.98 -28.26 8.38
N SER B 212 27.64 -27.80 9.44
CA SER B 212 27.95 -28.66 10.57
C SER B 212 26.71 -29.08 11.33
N SER B 213 25.64 -28.28 11.30
CA SER B 213 24.39 -28.64 11.96
C SER B 213 23.64 -29.73 11.21
N ILE B 214 23.90 -29.91 9.93
CA ILE B 214 23.26 -30.97 9.17
C ILE B 214 24.03 -32.27 9.29
N GLU B 215 25.35 -32.20 9.42
CA GLU B 215 26.14 -33.39 9.70
C GLU B 215 26.01 -33.86 11.13
N TYR B 216 25.45 -33.05 12.02
CA TYR B 216 25.18 -33.46 13.38
C TYR B 216 23.79 -34.08 13.54
N LEU B 217 22.80 -33.52 12.84
CA LEU B 217 21.45 -34.06 12.95
C LEU B 217 21.30 -35.36 12.18
N ALA B 218 22.06 -35.53 11.09
CA ALA B 218 21.97 -36.75 10.31
C ALA B 218 22.67 -37.92 10.98
N SER B 219 23.52 -37.66 11.97
CA SER B 219 24.12 -38.72 12.78
C SER B 219 23.27 -39.05 14.01
N GLU B 220 22.09 -38.44 14.13
CA GLU B 220 21.20 -38.73 15.24
C GLU B 220 19.78 -39.11 14.81
N VAL B 221 19.45 -39.05 13.52
CA VAL B 221 18.18 -39.60 13.05
C VAL B 221 18.17 -41.12 13.26
N ILE B 222 19.32 -41.76 13.07
CA ILE B 222 19.40 -43.21 13.10
C ILE B 222 19.32 -43.81 14.49
N LYS B 223 19.56 -43.02 15.54
CA LYS B 223 19.61 -43.57 16.89
C LYS B 223 18.43 -43.16 17.76
N PHE B 224 17.55 -42.28 17.28
CA PHE B 224 16.30 -41.99 17.96
C PHE B 224 15.19 -42.87 17.39
N SER B 225 14.03 -42.77 18.04
CA SER B 225 12.78 -43.55 17.86
C SER B 225 11.95 -43.35 16.59
N ALA B 226 10.63 -43.36 16.73
CA ALA B 226 9.85 -43.34 15.48
C ALA B 226 8.93 -42.14 15.43
N GLU B 227 8.94 -41.35 16.48
CA GLU B 227 8.13 -40.13 16.38
C GLU B 227 8.96 -38.96 16.87
N LEU B 228 10.18 -39.24 17.31
CA LEU B 228 11.13 -38.16 17.60
C LEU B 228 11.85 -38.01 16.29
N ARG B 229 12.36 -39.11 15.74
CA ARG B 229 13.01 -39.11 14.43
C ARG B 229 12.21 -38.29 13.43
N GLN B 230 10.87 -38.33 13.53
CA GLN B 230 10.03 -37.55 12.65
C GLN B 230 10.19 -36.05 12.91
N ILE B 231 10.49 -35.67 14.14
CA ILE B 231 10.63 -34.26 14.46
C ILE B 231 12.02 -33.76 14.09
N ILE B 232 13.03 -34.63 14.11
CA ILE B 232 14.37 -34.22 13.73
C ILE B 232 14.48 -34.04 12.22
N GLU B 233 13.82 -34.91 11.45
CA GLU B 233 13.74 -34.70 10.01
C GLU B 233 12.80 -33.57 9.61
N GLY B 234 12.06 -33.00 10.55
CA GLY B 234 11.31 -31.79 10.29
C GLY B 234 12.15 -30.57 10.62
N ILE B 235 13.14 -30.74 11.49
CA ILE B 235 14.14 -29.70 11.72
C ILE B 235 15.08 -29.62 10.51
N LEU B 236 15.44 -30.76 9.94
CA LEU B 236 16.40 -30.84 8.85
C LEU B 236 15.87 -30.20 7.57
N ASN B 237 14.56 -30.14 7.39
CA ASN B 237 13.99 -29.40 6.26
C ASN B 237 13.94 -27.91 6.51
N ARG B 238 13.74 -27.49 7.76
CA ARG B 238 13.74 -26.07 8.09
C ARG B 238 15.14 -25.47 8.05
N ILE B 239 16.17 -26.27 8.24
CA ILE B 239 17.53 -25.79 8.03
C ILE B 239 17.83 -25.68 6.55
N GLN B 240 17.43 -26.69 5.77
CA GLN B 240 17.67 -26.65 4.33
C GLN B 240 16.71 -25.75 3.58
N LEU B 241 15.66 -25.26 4.23
CA LEU B 241 14.90 -24.16 3.65
C LEU B 241 15.59 -22.83 3.90
N ARG B 242 16.29 -22.70 5.02
CA ARG B 242 17.01 -21.48 5.32
C ARG B 242 18.33 -21.41 4.57
N ILE B 243 18.96 -22.55 4.30
CA ILE B 243 20.15 -22.54 3.43
C ILE B 243 19.79 -22.31 1.98
N GLY B 244 18.53 -22.48 1.61
CA GLY B 244 18.10 -22.26 0.24
C GLY B 244 17.55 -20.87 0.03
N ILE B 245 16.91 -20.32 1.07
CA ILE B 245 16.45 -18.93 1.02
C ILE B 245 17.64 -17.98 1.00
N LEU B 246 18.71 -18.34 1.71
CA LEU B 246 19.92 -17.53 1.75
C LEU B 246 20.61 -17.46 0.40
N ARG B 247 20.51 -18.51 -0.41
CA ARG B 247 21.09 -18.49 -1.76
C ARG B 247 20.25 -17.70 -2.75
N VAL B 248 19.07 -17.23 -2.37
CA VAL B 248 18.23 -16.42 -3.24
C VAL B 248 18.55 -14.95 -2.99
N TYR B 249 18.88 -14.61 -1.74
CA TYR B 249 19.12 -13.22 -1.39
C TYR B 249 20.43 -12.73 -1.94
N GLU B 250 21.52 -13.46 -1.73
CA GLU B 250 22.73 -13.23 -2.51
C GLU B 250 22.62 -14.00 -3.81
N ARG B 251 22.63 -13.27 -4.94
CA ARG B 251 22.35 -13.92 -6.21
C ARG B 251 23.57 -14.72 -6.68
N SER B 252 24.65 -14.02 -7.00
CA SER B 252 26.00 -14.51 -7.30
C SER B 252 26.10 -15.33 -8.60
N ASP B 253 24.97 -15.63 -9.23
CA ASP B 253 24.83 -16.39 -10.47
C ASP B 253 23.37 -16.31 -10.86
N ILE B 254 23.00 -17.01 -11.93
CA ILE B 254 21.60 -17.12 -12.31
C ILE B 254 21.10 -18.56 -12.31
N LYS B 255 21.98 -19.56 -12.28
CA LYS B 255 21.54 -20.95 -12.23
C LYS B 255 21.35 -21.45 -10.81
N THR B 256 22.20 -21.03 -9.88
CA THR B 256 22.06 -21.49 -8.50
C THR B 256 21.00 -20.72 -7.72
N THR B 257 20.40 -19.69 -8.30
CA THR B 257 19.27 -19.01 -7.68
C THR B 257 17.94 -19.40 -8.31
N ILE B 258 17.95 -20.27 -9.31
CA ILE B 258 16.74 -20.90 -9.81
C ILE B 258 16.65 -22.34 -9.33
N ASP B 259 17.78 -23.03 -9.23
CA ASP B 259 17.82 -24.34 -8.58
C ASP B 259 17.54 -24.25 -7.09
N ALA B 260 17.77 -23.09 -6.47
CA ALA B 260 17.37 -22.86 -5.09
C ALA B 260 15.91 -22.46 -4.96
N LEU B 261 15.35 -21.77 -5.95
CA LEU B 261 13.92 -21.46 -5.95
C LEU B 261 13.06 -22.65 -6.30
N HIS B 262 13.61 -23.65 -6.98
CA HIS B 262 12.91 -24.92 -7.16
C HIS B 262 13.02 -25.82 -5.95
N LEU B 263 13.94 -25.53 -5.03
CA LEU B 263 14.05 -26.27 -3.79
C LEU B 263 13.11 -25.74 -2.71
N ILE B 264 12.83 -24.44 -2.72
CA ILE B 264 11.90 -23.85 -1.77
C ILE B 264 10.48 -24.36 -2.03
N LYS B 265 10.12 -24.53 -3.31
CA LYS B 265 8.78 -24.99 -3.64
C LYS B 265 8.56 -26.46 -3.32
N ASN B 266 9.62 -27.23 -3.06
CA ASN B 266 9.48 -28.63 -2.70
C ASN B 266 9.56 -28.86 -1.20
N LEU B 267 10.31 -28.04 -0.46
CA LEU B 267 10.48 -28.27 0.97
C LEU B 267 9.28 -27.76 1.77
N VAL B 268 8.59 -26.74 1.26
CA VAL B 268 7.49 -26.14 2.03
C VAL B 268 6.28 -27.07 2.18
N PRO B 269 5.84 -27.85 1.17
CA PRO B 269 4.81 -28.87 1.46
C PRO B 269 5.22 -29.95 2.44
N GLU B 270 6.52 -30.25 2.57
CA GLU B 270 6.98 -31.23 3.55
C GLU B 270 7.20 -30.63 4.92
N ILE B 271 7.28 -29.31 5.03
CA ILE B 271 7.35 -28.63 6.31
C ILE B 271 5.97 -28.33 6.86
N GLN B 272 5.04 -27.94 5.99
CA GLN B 272 3.74 -27.44 6.41
C GLN B 272 2.82 -28.54 6.95
N ASN B 273 3.18 -29.81 6.80
CA ASN B 273 2.37 -30.88 7.38
C ASN B 273 2.90 -31.38 8.72
N THR B 274 4.18 -31.17 9.01
CA THR B 274 4.74 -31.47 10.32
C THR B 274 4.83 -30.24 11.22
N VAL B 275 4.03 -29.21 10.94
CA VAL B 275 4.00 -28.03 11.80
C VAL B 275 3.05 -28.24 12.96
N SER B 276 2.18 -29.24 12.87
CA SER B 276 1.18 -29.51 13.90
C SER B 276 1.65 -30.53 14.92
N VAL B 277 2.97 -30.59 15.16
CA VAL B 277 3.52 -31.48 16.18
C VAL B 277 3.63 -30.77 17.54
N VAL B 278 4.00 -29.50 17.56
CA VAL B 278 4.00 -28.69 18.77
C VAL B 278 2.55 -28.31 19.10
N ASP B 279 1.96 -29.06 20.04
CA ASP B 279 0.51 -29.04 20.20
C ASP B 279 -0.11 -27.74 20.72
N SER B 280 -0.07 -27.46 22.03
CA SER B 280 -0.60 -26.21 22.52
C SER B 280 0.16 -25.67 23.72
N SER B 281 0.90 -26.53 24.41
CA SER B 281 1.51 -26.18 25.68
C SER B 281 3.02 -26.20 25.64
N ILE B 282 3.61 -26.53 24.50
CA ILE B 282 5.04 -26.33 24.29
C ILE B 282 5.17 -24.95 23.66
N LYS B 283 4.23 -24.61 22.78
CA LYS B 283 4.17 -23.30 22.16
C LYS B 283 3.64 -22.23 23.11
N GLU B 284 3.20 -22.60 24.31
CA GLU B 284 2.85 -21.64 25.34
C GLU B 284 3.97 -21.46 26.36
N SER B 285 4.71 -22.52 26.68
CA SER B 285 5.78 -22.46 27.66
C SER B 285 7.10 -21.96 27.09
N ILE B 286 7.15 -21.64 25.80
CA ILE B 286 8.30 -20.97 25.21
C ILE B 286 7.97 -19.58 24.71
N LEU B 287 6.68 -19.21 24.66
CA LEU B 287 6.30 -17.84 24.36
C LEU B 287 6.36 -16.94 25.59
N LYS B 288 6.61 -17.50 26.77
CA LYS B 288 6.80 -16.69 27.97
C LYS B 288 8.21 -16.86 28.49
N GLN B 289 9.04 -17.62 27.80
CA GLN B 289 10.37 -17.93 28.27
C GLN B 289 11.42 -17.48 27.27
N TYR B 290 11.05 -17.43 26.00
CA TYR B 290 11.96 -17.06 24.92
C TYR B 290 11.28 -16.12 23.95
N TRP B 291 10.34 -15.31 24.43
CA TRP B 291 9.63 -14.37 23.57
C TRP B 291 9.17 -13.21 24.41
N ASP B 292 9.46 -11.99 23.98
CA ASP B 292 9.12 -10.76 24.72
C ASP B 292 8.34 -9.86 23.79
N PHE B 293 7.01 -9.96 23.82
CA PHE B 293 6.15 -9.27 22.87
C PHE B 293 6.19 -7.76 22.98
N ARG B 294 6.59 -7.23 24.14
CA ARG B 294 6.57 -5.79 24.39
C ARG B 294 7.94 -5.14 24.20
N VAL B 295 8.78 -5.68 23.31
CA VAL B 295 10.17 -5.25 23.19
C VAL B 295 10.31 -3.83 22.65
N GLN B 296 9.22 -3.24 22.13
CA GLN B 296 9.18 -1.83 21.76
C GLN B 296 9.43 -0.92 22.97
N ALA B 297 9.14 -1.39 24.18
CA ALA B 297 9.32 -0.60 25.39
C ALA B 297 10.77 -0.37 25.78
N GLN B 298 11.74 -0.94 25.06
CA GLN B 298 13.14 -0.63 25.29
C GLN B 298 13.88 -0.24 24.01
N LEU B 299 13.16 0.05 22.93
CA LEU B 299 13.75 0.46 21.68
C LEU B 299 13.28 1.85 21.31
N VAL B 300 13.97 2.46 20.34
CA VAL B 300 13.67 3.83 19.93
C VAL B 300 12.32 3.88 19.25
N ALA B 301 11.42 4.71 19.77
CA ALA B 301 10.09 4.84 19.21
C ALA B 301 10.07 5.85 18.09
N THR B 302 9.53 5.46 16.95
CA THR B 302 9.29 6.36 15.83
C THR B 302 7.83 6.64 15.58
N ALA B 303 6.94 5.82 16.12
CA ALA B 303 5.50 5.90 15.92
C ALA B 303 4.83 5.11 17.02
N PRO B 304 3.53 5.30 17.25
CA PRO B 304 2.82 4.42 18.18
C PRO B 304 2.77 2.98 17.69
N VAL B 305 2.37 2.09 18.60
CA VAL B 305 2.45 0.66 18.39
C VAL B 305 1.44 0.25 17.33
N ARG B 306 1.92 -0.16 16.17
CA ARG B 306 1.06 -0.65 15.09
C ARG B 306 0.66 -2.07 15.42
N ASN B 307 -0.55 -2.25 15.96
CA ASN B 307 -1.01 -3.58 16.36
C ASN B 307 -1.56 -4.32 15.15
N ILE B 308 -0.64 -4.70 14.27
CA ILE B 308 -0.99 -5.41 13.05
C ILE B 308 -1.31 -6.86 13.40
N PRO B 309 -2.46 -7.39 13.00
CA PRO B 309 -2.84 -8.75 13.40
C PRO B 309 -1.98 -9.79 12.70
N PRO B 310 -1.51 -10.80 13.44
CA PRO B 310 -0.66 -11.82 12.84
C PRO B 310 -1.48 -12.79 12.01
N THR B 311 -0.76 -13.63 11.26
CA THR B 311 -1.39 -14.56 10.34
C THR B 311 -1.21 -16.02 10.73
N GLY B 312 -0.22 -16.35 11.55
CA GLY B 312 -0.01 -17.71 11.98
C GLY B 312 1.15 -18.36 11.27
N ILE B 313 1.44 -19.60 11.69
CA ILE B 313 2.58 -20.32 11.12
C ILE B 313 2.19 -21.01 9.82
N GLU B 314 0.93 -21.40 9.67
CA GLU B 314 0.52 -22.10 8.46
C GLU B 314 0.46 -21.14 7.27
N HIS B 315 0.11 -19.88 7.51
CA HIS B 315 0.08 -18.90 6.43
C HIS B 315 1.44 -18.29 6.15
N SER B 316 2.31 -18.23 7.15
CA SER B 316 3.64 -17.67 6.93
C SER B 316 4.56 -18.60 6.15
N TYR B 317 4.25 -19.89 6.10
CA TYR B 317 4.94 -20.78 5.17
C TYR B 317 4.34 -20.72 3.78
N GLN B 318 3.07 -20.32 3.67
CA GLN B 318 2.49 -20.07 2.36
C GLN B 318 3.11 -18.83 1.71
N ARG B 319 3.48 -17.85 2.53
CA ARG B 319 4.12 -16.63 2.01
C ARG B 319 5.53 -16.90 1.48
N ILE B 320 6.18 -17.95 1.95
CA ILE B 320 7.45 -18.34 1.35
C ILE B 320 7.21 -19.03 0.01
N LEU B 321 6.12 -19.79 -0.11
CA LEU B 321 5.73 -20.30 -1.42
C LEU B 321 5.27 -19.18 -2.32
N TYR B 322 4.67 -18.13 -1.77
CA TYR B 322 4.34 -16.95 -2.57
C TYR B 322 5.57 -16.16 -2.94
N PHE B 323 6.60 -16.17 -2.09
CA PHE B 323 7.83 -15.45 -2.40
C PHE B 323 8.61 -16.13 -3.52
N ALA B 324 8.69 -17.45 -3.49
CA ALA B 324 9.46 -18.21 -4.46
C ALA B 324 8.74 -18.38 -5.79
N ASP B 325 7.46 -18.05 -5.86
CA ASP B 325 6.68 -18.27 -7.07
C ASP B 325 6.73 -17.09 -8.02
N ASP B 326 6.94 -15.88 -7.52
CA ASP B 326 7.01 -14.69 -8.35
C ASP B 326 8.40 -14.08 -8.36
N MET B 327 9.32 -14.60 -7.55
CA MET B 327 10.74 -14.37 -7.80
C MET B 327 11.21 -15.20 -8.98
N LEU B 328 10.53 -16.32 -9.26
CA LEU B 328 10.78 -17.07 -10.48
C LEU B 328 10.24 -16.37 -11.71
N LEU B 329 9.23 -15.52 -11.54
CA LEU B 329 8.70 -14.75 -12.66
C LEU B 329 9.62 -13.59 -13.03
N ILE B 330 10.18 -12.92 -12.02
CA ILE B 330 11.05 -11.78 -12.26
C ILE B 330 12.40 -12.24 -12.82
N LEU B 331 12.87 -13.42 -12.43
CA LEU B 331 14.10 -13.95 -12.99
C LEU B 331 13.95 -14.41 -14.44
N ASN B 332 12.73 -14.44 -14.98
CA ASN B 332 12.51 -14.66 -16.40
C ASN B 332 12.70 -13.40 -17.23
N SER B 333 12.98 -12.26 -16.60
CA SER B 333 13.25 -11.02 -17.31
C SER B 333 14.71 -10.87 -17.71
N HIS B 334 15.46 -11.99 -17.76
CA HIS B 334 16.75 -12.01 -18.43
C HIS B 334 16.67 -12.59 -19.83
N THR B 335 15.56 -13.21 -20.19
CA THR B 335 15.34 -13.76 -21.52
C THR B 335 14.53 -12.84 -22.41
N LEU B 336 14.25 -11.62 -21.96
CA LEU B 336 13.54 -10.65 -22.79
C LEU B 336 14.50 -10.14 -23.86
N ALA B 337 14.27 -10.55 -25.10
CA ALA B 337 15.22 -10.35 -26.19
C ALA B 337 14.94 -9.10 -27.01
N SER B 338 14.27 -8.11 -26.43
CA SER B 338 13.95 -6.90 -27.17
C SER B 338 13.79 -5.74 -26.19
N SER B 339 13.29 -4.62 -26.69
CA SER B 339 13.05 -3.44 -25.89
C SER B 339 11.57 -3.11 -25.75
N LEU B 340 10.71 -3.65 -26.60
CA LEU B 340 9.28 -3.55 -26.39
C LEU B 340 8.78 -4.61 -25.42
N ALA B 341 9.50 -5.71 -25.27
CA ALA B 341 9.12 -6.71 -24.29
C ALA B 341 9.43 -6.25 -22.88
N VAL B 342 10.46 -5.41 -22.72
CA VAL B 342 10.78 -4.85 -21.41
C VAL B 342 9.72 -3.85 -20.99
N TYR B 343 9.16 -3.12 -21.95
CA TYR B 343 8.12 -2.14 -21.64
C TYR B 343 6.82 -2.82 -21.22
N GLN B 344 6.53 -3.99 -21.78
CA GLN B 344 5.30 -4.68 -21.47
C GLN B 344 5.42 -5.66 -20.31
N PHE B 345 6.64 -6.04 -19.93
CA PHE B 345 6.81 -6.93 -18.78
C PHE B 345 6.44 -6.22 -17.49
N CYS B 346 6.55 -4.89 -17.53
CA CYS B 346 6.25 -4.05 -16.37
C CYS B 346 4.80 -3.59 -16.36
N LEU B 347 4.07 -3.68 -17.45
CA LEU B 347 2.64 -3.42 -17.48
C LEU B 347 1.83 -4.69 -17.21
N ASP B 348 2.39 -5.86 -17.47
CA ASP B 348 1.82 -7.10 -17.01
C ASP B 348 2.16 -7.41 -15.56
N PHE B 349 3.26 -6.84 -15.03
CA PHE B 349 3.62 -7.10 -13.64
C PHE B 349 2.67 -6.40 -12.68
N THR B 350 2.10 -5.27 -13.07
CA THR B 350 1.11 -4.59 -12.25
C THR B 350 -0.29 -5.12 -12.47
N ARG B 351 -0.46 -6.10 -13.35
CA ARG B 351 -1.74 -6.76 -13.57
C ARG B 351 -1.88 -8.02 -12.73
N LEU B 352 -0.92 -8.32 -11.86
CA LEU B 352 -1.02 -9.44 -10.95
C LEU B 352 -2.12 -9.19 -9.93
N ASN B 353 -2.78 -10.27 -9.51
CA ASN B 353 -3.88 -10.18 -8.57
C ASN B 353 -3.46 -10.54 -7.15
N ARG B 354 -2.18 -10.34 -6.82
CA ARG B 354 -1.71 -10.62 -5.48
C ARG B 354 -0.83 -9.53 -4.86
N THR B 355 -0.17 -8.68 -5.67
CA THR B 355 0.79 -7.65 -5.27
C THR B 355 1.88 -8.31 -4.44
N PRO B 356 2.88 -8.92 -5.12
CA PRO B 356 3.70 -10.01 -4.54
C PRO B 356 4.31 -9.85 -3.15
N GLU B 357 5.26 -8.92 -2.98
CA GLU B 357 5.98 -8.69 -1.72
C GLU B 357 6.85 -7.46 -1.94
N PRO B 358 7.10 -6.64 -0.92
CA PRO B 358 7.97 -5.47 -1.12
C PRO B 358 9.41 -5.81 -1.46
N TYR B 359 9.94 -6.95 -1.04
CA TYR B 359 11.28 -7.31 -1.48
C TYR B 359 11.27 -7.78 -2.93
N VAL B 360 10.21 -8.49 -3.33
CA VAL B 360 10.14 -8.98 -4.70
C VAL B 360 9.86 -7.83 -5.66
N ARG B 361 9.05 -6.86 -5.25
CA ARG B 361 8.77 -5.70 -6.10
C ARG B 361 10.00 -4.83 -6.25
N SER B 362 10.66 -4.49 -5.14
CA SER B 362 11.80 -3.57 -5.20
C SER B 362 13.03 -4.19 -5.85
N SER B 363 13.09 -5.50 -5.98
CA SER B 363 14.20 -6.14 -6.67
C SER B 363 13.91 -6.35 -8.15
N LEU B 364 12.76 -5.89 -8.65
CA LEU B 364 12.53 -5.89 -10.08
C LEU B 364 13.36 -4.81 -10.77
N GLN B 365 13.58 -3.68 -10.09
CA GLN B 365 14.35 -2.59 -10.68
C GLN B 365 15.81 -2.97 -10.84
N ALA B 366 16.32 -3.86 -9.98
CA ALA B 366 17.71 -4.28 -10.09
C ALA B 366 17.91 -5.33 -11.17
N LEU B 367 16.86 -6.07 -11.53
CA LEU B 367 16.98 -7.15 -12.51
C LEU B 367 16.54 -6.74 -13.90
N ILE B 368 15.83 -5.63 -14.05
CA ILE B 368 15.35 -5.21 -15.35
C ILE B 368 16.28 -4.20 -16.00
N THR B 369 17.20 -3.60 -15.24
CA THR B 369 18.24 -2.78 -15.85
C THR B 369 19.41 -3.63 -16.31
N ALA B 370 19.91 -4.50 -15.42
CA ALA B 370 20.95 -5.44 -15.80
C ALA B 370 20.34 -6.55 -16.63
N ASN B 371 20.22 -6.32 -17.94
CA ASN B 371 19.45 -7.20 -18.80
C ASN B 371 20.29 -7.70 -19.98
N ASN B 372 21.23 -6.89 -20.43
CA ASN B 372 22.14 -7.13 -21.55
C ASN B 372 21.42 -7.36 -22.88
N ALA B 373 20.16 -6.95 -22.99
CA ALA B 373 19.45 -6.88 -24.26
C ALA B 373 18.86 -5.51 -24.53
N VAL B 374 18.59 -4.72 -23.49
CA VAL B 374 18.35 -3.30 -23.63
C VAL B 374 19.26 -2.59 -22.63
N ASN B 375 19.64 -1.37 -22.94
CA ASN B 375 20.65 -0.64 -22.18
C ASN B 375 19.96 0.39 -21.29
N LEU B 376 19.51 -0.06 -20.11
CA LEU B 376 19.04 0.83 -19.07
C LEU B 376 20.14 1.11 -18.06
N ARG B 377 19.95 2.21 -17.31
CA ARG B 377 20.78 2.71 -16.21
C ARG B 377 22.15 3.23 -16.64
N ASP B 378 22.49 3.09 -17.92
CA ASP B 378 23.60 3.82 -18.53
C ASP B 378 23.29 3.94 -20.02
N GLN B 379 23.29 5.18 -20.51
CA GLN B 379 22.66 5.61 -21.76
C GLN B 379 21.22 5.10 -21.81
N PRO B 380 20.30 5.67 -21.03
CA PRO B 380 18.92 5.19 -21.04
C PRO B 380 18.04 5.82 -22.09
N THR B 381 18.56 6.74 -22.91
CA THR B 381 17.82 7.28 -24.02
C THR B 381 17.84 6.38 -25.24
N SER B 382 18.65 5.32 -25.22
CA SER B 382 18.62 4.28 -26.23
C SER B 382 17.55 3.24 -25.95
N TYR B 383 16.87 3.32 -24.81
CA TYR B 383 15.73 2.48 -24.51
C TYR B 383 14.45 3.08 -25.07
N MET B 384 14.36 4.40 -25.11
CA MET B 384 13.22 5.05 -25.74
C MET B 384 13.30 4.95 -27.26
N LEU B 385 14.49 5.12 -27.83
CA LEU B 385 14.64 5.08 -29.28
C LEU B 385 14.52 3.66 -29.82
N GLU B 386 14.81 2.66 -28.99
CA GLU B 386 14.62 1.29 -29.44
C GLU B 386 13.16 0.88 -29.39
N CYS B 387 12.35 1.50 -28.53
CA CYS B 387 10.92 1.23 -28.55
C CYS B 387 10.26 1.85 -29.77
N ILE B 388 10.80 2.94 -30.28
CA ILE B 388 10.23 3.61 -31.44
C ILE B 388 10.75 3.01 -32.75
N ARG B 389 12.03 2.60 -32.77
CA ARG B 389 12.57 1.92 -33.95
C ARG B 389 11.88 0.60 -34.20
N GLU B 390 11.41 -0.07 -33.15
CA GLU B 390 10.68 -1.32 -33.33
C GLU B 390 9.22 -1.06 -33.71
N PHE B 391 8.54 -0.16 -32.98
CA PHE B 391 7.10 0.00 -33.14
C PHE B 391 6.73 0.61 -34.48
N SER B 392 7.41 1.69 -34.86
CA SER B 392 7.08 2.38 -36.10
C SER B 392 8.24 2.52 -37.06
N GLY B 393 9.47 2.35 -36.60
CA GLY B 393 10.60 2.39 -37.50
C GLY B 393 11.17 3.78 -37.71
N LEU B 394 12.41 3.94 -37.43
CA LEU B 394 13.05 5.21 -37.67
C LEU B 394 13.85 5.17 -38.96
N PRO B 395 14.03 6.31 -39.64
CA PRO B 395 14.84 6.31 -40.86
C PRO B 395 16.31 6.08 -40.55
N SER B 396 17.02 5.61 -41.58
CA SER B 396 18.41 5.18 -41.42
C SER B 396 19.39 6.34 -41.35
N ASN B 397 19.00 7.54 -41.75
CA ASN B 397 19.86 8.71 -41.62
C ASN B 397 19.59 9.49 -40.35
N PHE B 398 18.67 9.02 -39.51
CA PHE B 398 18.37 9.65 -38.23
C PHE B 398 18.82 8.82 -37.04
N TYR B 399 18.78 7.50 -37.14
CA TYR B 399 19.06 6.62 -36.02
C TYR B 399 19.87 5.44 -36.51
N ASN B 400 21.02 5.20 -35.89
CA ASN B 400 21.90 4.10 -36.30
C ASN B 400 21.77 2.95 -35.31
N PRO B 401 21.10 1.86 -35.68
CA PRO B 401 20.78 0.81 -34.69
C PRO B 401 21.96 -0.06 -34.29
N ASN B 402 23.09 0.03 -34.98
CA ASN B 402 24.28 -0.70 -34.59
C ASN B 402 25.03 -0.02 -33.45
N THR B 403 24.71 1.23 -33.15
CA THR B 403 25.21 1.91 -31.96
C THR B 403 24.12 2.51 -31.10
N ARG B 404 22.85 2.40 -31.50
CA ARG B 404 21.68 2.75 -30.70
C ARG B 404 21.65 4.21 -30.28
N THR B 405 22.14 5.09 -31.15
CA THR B 405 22.14 6.51 -30.86
C THR B 405 21.77 7.30 -32.10
N VAL B 406 21.37 8.54 -31.89
CA VAL B 406 21.09 9.46 -32.98
C VAL B 406 22.41 9.86 -33.63
N ILE B 407 22.44 9.86 -34.96
CA ILE B 407 23.62 10.31 -35.70
C ILE B 407 23.81 11.80 -35.44
N GLU B 408 25.07 12.22 -35.32
CA GLU B 408 25.40 13.52 -34.72
C GLU B 408 24.99 14.68 -35.62
N LYS B 409 25.38 14.64 -36.89
CA LYS B 409 25.08 15.72 -37.83
C LYS B 409 24.23 15.15 -38.97
N ASN B 410 22.92 15.29 -38.85
CA ASN B 410 22.01 14.89 -39.92
C ASN B 410 21.10 16.04 -40.30
N SER B 411 20.09 15.75 -41.13
CA SER B 411 19.21 16.81 -41.62
C SER B 411 18.31 17.35 -40.53
N ILE B 412 17.63 16.47 -39.81
CA ILE B 412 16.60 16.89 -38.86
C ILE B 412 17.22 17.43 -37.58
N SER B 413 18.24 16.74 -37.06
CA SER B 413 18.81 17.07 -35.75
C SER B 413 19.69 18.31 -35.77
N SER B 414 19.93 18.92 -36.92
CA SER B 414 20.70 20.15 -37.00
C SER B 414 19.91 21.33 -37.51
N ALA B 415 18.90 21.10 -38.36
CA ALA B 415 18.03 22.20 -38.78
C ALA B 415 17.06 22.56 -37.65
N TYR B 416 16.24 21.61 -37.23
CA TYR B 416 15.34 21.81 -36.10
C TYR B 416 16.00 21.24 -34.84
N GLY B 417 17.00 21.97 -34.37
CA GLY B 417 17.85 21.57 -33.27
C GLY B 417 17.16 21.39 -31.93
N PRO B 418 16.66 22.48 -31.33
CA PRO B 418 16.10 22.39 -29.98
C PRO B 418 14.72 21.74 -29.89
N LEU B 419 14.21 21.13 -30.95
CA LEU B 419 13.00 20.31 -30.86
C LEU B 419 13.31 18.83 -30.75
N VAL B 420 14.32 18.36 -31.48
CA VAL B 420 14.72 16.96 -31.40
C VAL B 420 15.33 16.66 -30.04
N GLU B 421 16.18 17.56 -29.54
CA GLU B 421 16.77 17.36 -28.22
C GLU B 421 15.78 17.60 -27.09
N SER B 422 14.64 18.23 -27.39
CA SER B 422 13.60 18.41 -26.39
C SER B 422 12.63 17.24 -26.33
N LEU B 423 12.28 16.68 -27.50
CA LEU B 423 11.38 15.52 -27.52
C LEU B 423 12.04 14.28 -26.95
N ILE B 424 13.34 14.09 -27.25
CA ILE B 424 14.05 12.91 -26.80
C ILE B 424 14.26 12.96 -25.28
N ALA B 425 14.53 14.14 -24.74
CA ALA B 425 14.68 14.26 -23.30
C ALA B 425 13.34 14.16 -22.57
N HIS B 426 12.26 14.66 -23.18
CA HIS B 426 10.95 14.60 -22.54
C HIS B 426 10.37 13.19 -22.53
N SER B 427 10.61 12.40 -23.57
CA SER B 427 10.02 11.07 -23.67
C SER B 427 10.92 9.97 -23.13
N THR B 428 12.19 10.24 -22.89
CA THR B 428 13.01 9.34 -22.09
C THR B 428 12.60 9.36 -20.63
N ASN B 429 12.23 10.53 -20.10
CA ASN B 429 11.75 10.68 -18.73
C ASN B 429 10.32 10.18 -18.54
N ILE B 430 9.74 9.52 -19.53
CA ILE B 430 8.46 8.84 -19.40
C ILE B 430 8.65 7.32 -19.42
N MET B 431 9.44 6.82 -20.37
CA MET B 431 9.70 5.39 -20.44
C MET B 431 10.56 4.91 -19.27
N VAL B 432 11.55 5.71 -18.88
CA VAL B 432 12.35 5.38 -17.70
C VAL B 432 11.52 5.55 -16.44
N ASP B 433 10.63 6.55 -16.43
CA ASP B 433 9.72 6.73 -15.30
C ASP B 433 8.72 5.60 -15.20
N LEU B 434 8.21 5.11 -16.32
CA LEU B 434 7.29 3.98 -16.32
C LEU B 434 7.92 2.69 -15.82
N VAL B 435 9.24 2.56 -15.91
CA VAL B 435 9.93 1.41 -15.33
C VAL B 435 10.07 1.56 -13.83
N ARG B 436 10.19 2.77 -13.32
CA ARG B 436 10.22 3.00 -11.88
C ARG B 436 8.87 2.79 -11.21
N ILE B 437 7.77 2.88 -11.96
CA ILE B 437 6.44 2.76 -11.38
C ILE B 437 6.05 1.28 -11.23
N CYS B 438 6.67 0.31 -11.86
CA CYS B 438 6.14 -1.06 -11.65
C CYS B 438 6.48 -1.63 -10.28
N SER B 439 7.48 -1.13 -9.61
CA SER B 439 7.71 -1.63 -8.26
C SER B 439 6.89 -0.85 -7.23
N HIS B 440 5.59 -0.73 -7.46
CA HIS B 440 4.72 0.01 -6.56
C HIS B 440 3.49 -0.81 -6.23
N ASN B 441 2.93 -0.55 -5.05
CA ASN B 441 1.61 -1.03 -4.69
C ASN B 441 0.58 -0.50 -5.69
N PRO B 442 -0.50 -1.24 -5.95
CA PRO B 442 -1.46 -0.81 -6.97
C PRO B 442 -2.23 0.45 -6.63
N CYS B 443 -2.25 0.85 -5.36
CA CYS B 443 -2.89 2.09 -4.96
C CYS B 443 -2.04 3.31 -5.26
N ARG B 444 -0.72 3.17 -5.33
CA ARG B 444 0.15 4.27 -5.73
C ARG B 444 0.79 4.02 -7.09
N PHE B 445 0.60 2.84 -7.69
CA PHE B 445 0.86 2.71 -9.12
C PHE B 445 -0.12 3.54 -9.92
N ARG B 446 -1.36 3.67 -9.43
CA ARG B 446 -2.40 4.36 -10.18
C ARG B 446 -2.20 5.87 -10.16
N ARG B 447 -1.99 6.45 -8.98
CA ARG B 447 -1.86 7.89 -8.86
C ARG B 447 -0.45 8.39 -9.19
N ASN B 448 0.45 7.49 -9.57
CA ASN B 448 1.68 7.89 -10.25
C ASN B 448 1.53 7.85 -11.76
N LEU B 449 0.56 7.11 -12.28
CA LEU B 449 0.20 7.20 -13.68
C LEU B 449 -0.65 8.42 -13.97
N ILE B 450 -1.47 8.84 -13.02
CA ILE B 450 -2.30 10.04 -13.18
C ILE B 450 -1.42 11.27 -13.22
N ASN B 451 -0.37 11.32 -12.40
CA ASN B 451 0.57 12.42 -12.42
C ASN B 451 1.48 12.39 -13.64
N LEU B 452 1.53 11.28 -14.38
CA LEU B 452 2.34 11.17 -15.59
C LEU B 452 1.57 11.59 -16.83
N LEU B 453 0.25 11.63 -16.79
CA LEU B 453 -0.54 12.06 -17.94
C LEU B 453 -0.34 13.52 -18.37
N PRO B 454 -0.06 14.51 -17.49
CA PRO B 454 0.33 15.83 -18.02
C PRO B 454 1.72 15.86 -18.65
N GLU B 455 2.53 14.81 -18.52
CA GLU B 455 3.82 14.77 -19.19
C GLU B 455 3.81 13.99 -20.48
N ILE B 456 2.89 13.03 -20.64
CA ILE B 456 2.72 12.40 -21.95
C ILE B 456 1.99 13.35 -22.88
N THR B 457 1.18 14.26 -22.35
CA THR B 457 0.47 15.22 -23.19
C THR B 457 1.43 16.26 -23.79
N VAL B 458 2.49 16.62 -23.05
CA VAL B 458 3.50 17.49 -23.63
C VAL B 458 4.34 16.75 -24.66
N ALA B 459 4.79 15.54 -24.31
CA ALA B 459 5.65 14.77 -25.21
C ALA B 459 4.94 14.26 -26.43
N HIS B 460 3.61 14.23 -26.44
CA HIS B 460 2.84 13.93 -27.64
C HIS B 460 2.63 15.14 -28.52
N PHE B 461 2.64 16.34 -27.94
CA PHE B 461 2.43 17.55 -28.72
C PHE B 461 3.68 17.94 -29.49
N GLU B 462 4.86 17.78 -28.90
CA GLU B 462 6.10 18.04 -29.61
C GLU B 462 6.66 16.80 -30.28
N ALA B 463 5.84 15.76 -30.42
CA ALA B 463 6.18 14.63 -31.28
C ALA B 463 5.49 14.70 -32.63
N GLU B 464 4.22 15.11 -32.67
CA GLU B 464 3.52 15.29 -33.93
C GLU B 464 3.80 16.65 -34.55
N ALA B 465 4.68 17.45 -33.94
CA ALA B 465 5.27 18.59 -34.61
C ALA B 465 6.61 18.26 -35.24
N LEU B 466 7.33 17.28 -34.69
CA LEU B 466 8.52 16.76 -35.35
C LEU B 466 8.17 15.84 -36.49
N ASP B 467 7.05 15.10 -36.37
CA ASP B 467 6.71 14.10 -37.38
C ASP B 467 6.26 14.72 -38.70
N LEU B 468 5.96 16.01 -38.73
CA LEU B 468 5.76 16.71 -39.99
C LEU B 468 7.09 17.00 -40.69
N LYS B 469 8.21 16.88 -39.97
CA LYS B 469 9.53 17.15 -40.52
C LYS B 469 10.28 15.87 -40.86
N PHE B 470 9.56 14.80 -41.19
CA PHE B 470 10.19 13.57 -41.67
C PHE B 470 9.77 13.27 -43.10
N SER B 477 -2.39 11.76 -36.30
CA SER B 477 -1.43 11.31 -35.30
C SER B 477 -0.73 10.04 -35.73
N ASN B 478 -0.05 10.11 -36.86
CA ASN B 478 0.78 9.02 -37.37
C ASN B 478 2.23 9.48 -37.44
N GLY B 479 3.08 8.66 -38.02
CA GLY B 479 4.49 8.95 -38.07
C GLY B 479 5.26 8.08 -37.10
N PRO B 480 6.59 8.16 -37.14
CA PRO B 480 7.40 7.35 -36.21
C PRO B 480 7.23 7.68 -34.73
N PHE B 481 7.34 8.95 -34.36
CA PHE B 481 7.38 9.29 -32.93
C PHE B 481 6.00 9.33 -32.31
N SER B 482 5.08 10.10 -32.90
CA SER B 482 3.80 10.38 -32.27
C SER B 482 2.83 9.21 -32.30
N SER B 483 3.14 8.13 -32.99
CA SER B 483 2.28 6.96 -32.99
C SER B 483 2.64 5.96 -31.90
N PHE B 484 3.82 6.08 -31.30
CA PHE B 484 4.14 5.29 -30.13
C PHE B 484 3.77 5.99 -28.83
N ILE B 485 4.00 7.30 -28.74
CA ILE B 485 3.65 8.05 -27.54
C ILE B 485 2.14 8.14 -27.36
N TYR B 486 1.38 8.08 -28.45
CA TYR B 486 -0.06 7.95 -28.32
C TYR B 486 -0.46 6.57 -27.84
N HIS B 487 0.31 5.55 -28.18
CA HIS B 487 0.02 4.21 -27.69
C HIS B 487 0.37 4.07 -26.22
N VAL B 488 1.43 4.74 -25.76
CA VAL B 488 1.76 4.80 -24.35
C VAL B 488 0.73 5.63 -23.58
N LYS B 489 0.21 6.68 -24.23
CA LYS B 489 -0.84 7.49 -23.60
C LYS B 489 -2.14 6.72 -23.45
N LEU B 490 -2.42 5.80 -24.38
CA LEU B 490 -3.66 5.05 -24.32
C LEU B 490 -3.55 3.81 -23.45
N ASN B 491 -2.35 3.24 -23.31
CA ASN B 491 -2.17 2.18 -22.32
C ASN B 491 -2.13 2.72 -20.90
N ALA B 492 -1.77 3.99 -20.73
CA ALA B 492 -1.82 4.57 -19.39
C ALA B 492 -3.25 4.82 -18.94
N ILE B 493 -4.13 5.17 -19.88
CA ILE B 493 -5.53 5.43 -19.54
C ILE B 493 -6.24 4.12 -19.22
N GLU B 494 -5.96 3.06 -19.97
CA GLU B 494 -6.57 1.76 -19.71
C GLU B 494 -6.09 1.14 -18.41
N HIS B 495 -4.91 1.50 -17.92
CA HIS B 495 -4.44 1.01 -16.64
C HIS B 495 -4.90 1.89 -15.48
N ILE B 496 -5.26 3.15 -15.75
CA ILE B 496 -5.87 3.98 -14.72
C ILE B 496 -7.30 3.53 -14.44
N LEU B 497 -8.05 3.22 -15.51
CA LEU B 497 -9.45 2.85 -15.35
C LEU B 497 -9.61 1.45 -14.80
N LEU B 498 -8.78 0.49 -15.26
CA LEU B 498 -8.93 -0.89 -14.79
C LEU B 498 -8.47 -1.04 -13.35
N SER B 499 -7.48 -0.26 -12.93
CA SER B 499 -7.05 -0.32 -11.55
C SER B 499 -7.91 0.53 -10.63
N SER B 500 -8.71 1.43 -11.18
CA SER B 500 -9.73 2.12 -10.39
C SER B 500 -10.92 1.23 -10.11
N PHE B 501 -11.13 0.19 -10.90
CA PHE B 501 -12.17 -0.80 -10.69
C PHE B 501 -11.74 -1.89 -9.73
N GLU B 502 -10.51 -2.39 -9.88
CA GLU B 502 -10.01 -3.45 -9.01
C GLU B 502 -9.69 -2.94 -7.61
N GLN B 503 -9.57 -1.62 -7.44
CA GLN B 503 -9.46 -1.02 -6.11
C GLN B 503 -10.82 -0.80 -5.47
N LYS B 504 -11.90 -1.20 -6.14
CA LYS B 504 -13.27 -1.23 -5.61
C LYS B 504 -13.76 0.15 -5.19
N LEU B 505 -13.38 1.16 -5.96
CA LEU B 505 -13.85 2.53 -5.72
C LEU B 505 -14.87 2.96 -6.75
N HIS B 506 -15.53 2.02 -7.38
CA HIS B 506 -16.69 2.40 -8.20
C HIS B 506 -17.79 1.59 -7.58
N GLN B 507 -18.49 2.11 -6.56
CA GLN B 507 -19.56 1.38 -5.84
C GLN B 507 -20.55 0.97 -6.88
N PRO B 508 -21.23 -0.35 -7.02
CA PRO B 508 -22.00 -0.94 -8.15
C PRO B 508 -23.19 -0.22 -8.77
N TYR B 509 -23.72 0.83 -8.15
CA TYR B 509 -24.63 1.70 -8.89
C TYR B 509 -23.90 2.72 -9.76
N GLN B 510 -22.57 2.64 -9.85
CA GLN B 510 -21.80 3.45 -10.77
C GLN B 510 -21.02 2.61 -11.77
N TRP B 511 -21.35 1.33 -11.95
CA TRP B 511 -20.82 0.59 -13.09
C TRP B 511 -21.19 1.17 -14.46
N PRO B 512 -22.46 1.49 -14.81
CA PRO B 512 -22.75 1.78 -16.22
C PRO B 512 -22.15 3.07 -16.75
N HIS B 513 -21.65 3.96 -15.90
CA HIS B 513 -20.80 5.03 -16.39
C HIS B 513 -19.37 4.57 -16.57
N PHE B 514 -18.92 3.59 -15.79
CA PHE B 514 -17.55 3.11 -15.92
C PHE B 514 -17.39 2.23 -17.14
N PHE B 515 -18.32 1.31 -17.35
CA PHE B 515 -18.23 0.39 -18.49
C PHE B 515 -18.59 1.05 -19.80
N ALA B 516 -19.13 2.27 -19.78
CA ALA B 516 -19.33 3.05 -21.00
C ALA B 516 -18.14 3.91 -21.34
N VAL B 517 -17.41 4.38 -20.33
CA VAL B 517 -16.17 5.12 -20.56
C VAL B 517 -15.06 4.16 -20.96
N LEU B 518 -15.03 2.97 -20.35
CA LEU B 518 -13.92 2.05 -20.54
C LEU B 518 -13.88 1.47 -21.95
N ASP B 519 -15.04 1.18 -22.54
CA ASP B 519 -15.04 0.73 -23.92
C ASP B 519 -15.12 1.87 -24.91
N HIS B 520 -14.98 3.11 -24.45
CA HIS B 520 -14.78 4.23 -25.36
C HIS B 520 -13.30 4.51 -25.56
N VAL B 521 -12.46 4.26 -24.56
CA VAL B 521 -11.02 4.33 -24.76
C VAL B 521 -10.47 3.01 -25.30
N PHE B 522 -11.18 1.90 -25.11
CA PHE B 522 -10.85 0.68 -25.83
C PHE B 522 -11.15 0.82 -27.31
N SER B 523 -12.21 1.56 -27.65
CA SER B 523 -12.59 1.72 -29.06
C SER B 523 -11.68 2.68 -29.80
N ILE B 524 -11.10 3.66 -29.11
CA ILE B 524 -10.17 4.58 -29.75
C ILE B 524 -8.82 3.91 -29.92
N HIS B 525 -8.38 3.17 -28.91
CA HIS B 525 -7.12 2.43 -28.97
C HIS B 525 -7.18 1.29 -29.99
N GLN B 526 -8.37 0.82 -30.34
CA GLN B 526 -8.47 -0.28 -31.28
C GLN B 526 -8.46 0.21 -32.72
N THR B 527 -9.02 1.39 -32.97
CA THR B 527 -8.97 1.99 -34.30
C THR B 527 -7.72 2.82 -34.50
N HIS B 528 -6.82 2.83 -33.53
CA HIS B 528 -5.49 3.42 -33.67
C HIS B 528 -4.45 2.39 -34.05
N LEU B 529 -4.57 1.16 -33.53
CA LEU B 529 -3.63 0.11 -33.88
C LEU B 529 -3.88 -0.41 -35.29
N GLU B 530 -5.13 -0.70 -35.64
CA GLU B 530 -5.43 -1.21 -36.97
C GLU B 530 -5.30 -0.14 -38.05
N LEU B 531 -5.24 1.14 -37.68
CA LEU B 531 -4.86 2.19 -38.62
C LEU B 531 -3.36 2.30 -38.76
N HIS B 532 -2.60 1.82 -37.77
CA HIS B 532 -1.14 1.84 -37.81
C HIS B 532 -0.56 0.56 -38.38
N GLY B 533 -1.21 -0.58 -38.15
CA GLY B 533 -0.82 -1.81 -38.79
C GLY B 533 -1.25 -1.95 -40.22
N LYS B 534 -2.06 -1.02 -40.72
CA LYS B 534 -2.44 -0.97 -42.12
C LYS B 534 -1.56 -0.01 -42.91
N ASP B 535 -0.54 0.56 -42.28
CA ASP B 535 0.34 1.49 -42.98
C ASP B 535 1.31 0.72 -43.87
N ARG B 536 2.12 1.47 -44.61
CA ARG B 536 3.16 0.92 -45.44
C ARG B 536 4.55 1.30 -45.00
N ASN B 537 4.69 2.30 -44.13
CA ASN B 537 5.98 2.71 -43.62
C ASN B 537 6.41 1.93 -42.38
N THR B 538 5.49 1.20 -41.75
CA THR B 538 5.84 0.45 -40.55
C THR B 538 6.58 -0.83 -40.93
N PRO B 539 7.54 -1.25 -40.11
CA PRO B 539 8.33 -2.45 -40.44
C PRO B 539 7.49 -3.71 -40.35
N PRO B 540 7.75 -4.69 -41.21
CA PRO B 540 6.89 -5.88 -41.26
C PRO B 540 7.06 -6.82 -40.08
N MET B 541 8.11 -6.64 -39.27
CA MET B 541 8.23 -7.44 -38.06
C MET B 541 7.24 -6.97 -36.99
N ALA B 542 6.95 -5.68 -36.96
CA ALA B 542 5.99 -5.12 -36.02
C ALA B 542 4.66 -4.79 -36.68
N LYS B 543 4.46 -5.24 -37.92
CA LYS B 543 3.12 -5.26 -38.47
C LYS B 543 2.32 -6.45 -37.97
N THR B 544 3.00 -7.55 -37.64
CA THR B 544 2.38 -8.71 -37.03
C THR B 544 2.53 -8.71 -35.52
N PHE B 545 3.10 -7.65 -34.95
CA PHE B 545 3.04 -7.42 -33.51
C PHE B 545 1.85 -6.55 -33.13
N VAL B 546 1.49 -5.59 -33.98
CA VAL B 546 0.32 -4.77 -33.74
C VAL B 546 -0.95 -5.60 -33.86
N THR B 547 -1.06 -6.40 -34.91
CA THR B 547 -2.24 -7.24 -35.08
C THR B 547 -2.27 -8.45 -34.16
N TYR B 548 -1.23 -8.68 -33.37
CA TYR B 548 -1.33 -9.57 -32.22
C TYR B 548 -1.72 -8.80 -30.96
N LEU B 549 -1.27 -7.55 -30.84
CA LEU B 549 -1.70 -6.67 -29.77
C LEU B 549 -3.15 -6.25 -29.92
N HIS B 550 -3.66 -6.22 -31.15
CA HIS B 550 -5.02 -5.80 -31.45
C HIS B 550 -6.02 -6.93 -31.25
N ARG B 551 -5.59 -8.19 -31.34
CA ARG B 551 -6.47 -9.32 -31.03
C ARG B 551 -6.58 -9.56 -29.53
N ILE B 552 -5.59 -9.14 -28.75
CA ILE B 552 -5.71 -9.20 -27.30
C ILE B 552 -6.68 -8.14 -26.81
N LEU B 553 -6.59 -6.93 -27.36
CA LEU B 553 -7.48 -5.85 -26.98
C LEU B 553 -8.92 -6.12 -27.42
N ASN B 554 -9.11 -6.83 -28.52
CA ASN B 554 -10.45 -7.16 -28.97
C ASN B 554 -11.12 -8.19 -28.06
N ALA B 555 -10.33 -9.02 -27.39
CA ALA B 555 -10.92 -9.97 -26.44
C ALA B 555 -11.19 -9.33 -25.09
N ILE B 556 -10.39 -8.32 -24.72
CA ILE B 556 -10.63 -7.62 -23.47
C ILE B 556 -11.80 -6.65 -23.61
N LYS B 557 -11.92 -6.00 -24.77
CA LYS B 557 -13.04 -5.08 -24.99
C LYS B 557 -14.37 -5.81 -25.07
N GLU B 558 -14.40 -6.99 -25.69
CA GLU B 558 -15.64 -7.74 -25.83
C GLU B 558 -16.11 -8.38 -24.53
N THR B 559 -15.25 -8.49 -23.52
CA THR B 559 -15.68 -8.99 -22.23
C THR B 559 -15.96 -7.88 -21.22
N TYR B 560 -15.58 -6.64 -21.53
CA TYR B 560 -15.95 -5.50 -20.71
C TYR B 560 -17.12 -4.72 -21.31
N SER B 561 -17.38 -4.87 -22.60
CA SER B 561 -18.61 -4.33 -23.18
C SER B 561 -19.77 -5.29 -23.02
N GLY B 562 -19.53 -6.51 -22.56
CA GLY B 562 -20.58 -7.40 -22.15
C GLY B 562 -21.04 -7.20 -20.73
N TYR B 563 -20.30 -6.41 -19.95
CA TYR B 563 -20.72 -6.04 -18.62
C TYR B 563 -21.56 -4.77 -18.58
N LEU B 564 -21.49 -3.94 -19.62
CA LEU B 564 -22.43 -2.84 -19.74
C LEU B 564 -23.83 -3.36 -20.04
N LEU B 565 -23.92 -4.44 -20.82
CA LEU B 565 -25.19 -5.09 -21.07
C LEU B 565 -25.68 -5.90 -19.88
N LEU B 566 -24.78 -6.26 -18.98
CA LEU B 566 -25.17 -7.05 -17.82
C LEU B 566 -25.51 -6.19 -16.61
N THR B 567 -24.91 -5.01 -16.50
CA THR B 567 -25.26 -4.12 -15.39
C THR B 567 -26.62 -3.49 -15.60
N VAL B 568 -26.93 -3.07 -16.84
CA VAL B 568 -28.26 -2.57 -17.18
C VAL B 568 -29.30 -3.66 -17.01
N LEU B 569 -28.94 -4.91 -17.26
CA LEU B 569 -29.84 -6.03 -16.99
C LEU B 569 -30.06 -6.22 -15.51
N CYS B 570 -28.99 -6.16 -14.71
CA CYS B 570 -29.14 -6.38 -13.27
C CYS B 570 -29.70 -5.16 -12.55
N MET B 571 -29.58 -3.97 -13.11
CA MET B 571 -30.13 -2.80 -12.43
C MET B 571 -31.65 -2.69 -12.57
N ARG B 572 -32.24 -3.40 -13.52
CA ARG B 572 -33.69 -3.41 -13.66
C ARG B 572 -34.34 -4.65 -13.07
N LEU B 573 -33.57 -5.68 -12.75
CA LEU B 573 -34.06 -6.82 -11.99
C LEU B 573 -33.81 -6.66 -10.50
N ASN B 574 -33.27 -5.50 -10.10
CA ASN B 574 -32.97 -5.16 -8.71
C ASN B 574 -32.00 -6.14 -8.06
N ILE B 575 -31.08 -6.67 -8.86
CA ILE B 575 -29.93 -7.36 -8.31
C ILE B 575 -28.89 -6.35 -7.87
N ILE B 576 -28.77 -5.23 -8.58
CA ILE B 576 -27.95 -4.10 -8.19
C ILE B 576 -28.90 -2.99 -7.79
N LYS B 577 -28.95 -2.67 -6.50
CA LYS B 577 -29.86 -1.66 -5.99
C LYS B 577 -29.37 -0.27 -6.36
N THR B 578 -30.21 0.49 -7.06
CA THR B 578 -29.91 1.88 -7.35
C THR B 578 -30.57 2.78 -6.31
N PRO B 579 -29.81 3.40 -5.41
CA PRO B 579 -30.42 4.08 -4.27
C PRO B 579 -31.02 5.43 -4.65
N SER B 580 -31.78 5.99 -3.70
CA SER B 580 -32.57 7.18 -3.96
C SER B 580 -31.74 8.45 -4.05
N PHE B 581 -30.55 8.49 -3.46
CA PHE B 581 -29.77 9.71 -3.44
C PHE B 581 -28.97 9.94 -4.71
N THR B 582 -28.79 8.91 -5.54
CA THR B 582 -27.96 9.06 -6.74
C THR B 582 -28.69 9.77 -7.86
N LEU B 583 -30.01 9.91 -7.79
CA LEU B 583 -30.77 10.60 -8.82
C LEU B 583 -30.92 12.09 -8.54
N ASP B 584 -29.81 12.71 -8.17
CA ASP B 584 -29.72 14.16 -7.98
C ASP B 584 -28.70 14.64 -8.99
N GLU B 585 -28.97 15.79 -9.62
CA GLU B 585 -28.09 16.25 -10.68
C GLU B 585 -26.82 16.90 -10.13
N LYS B 586 -26.92 17.56 -8.98
CA LYS B 586 -25.73 18.11 -8.35
C LYS B 586 -24.87 17.04 -7.67
N ILE B 587 -25.39 15.83 -7.52
CA ILE B 587 -24.61 14.73 -6.97
C ILE B 587 -23.90 13.95 -8.08
N GLN B 588 -24.61 13.67 -9.18
CA GLN B 588 -23.98 12.94 -10.27
C GLN B 588 -23.04 13.81 -11.10
N GLU B 589 -23.10 15.14 -10.95
CA GLU B 589 -22.05 15.97 -11.51
C GLU B 589 -20.77 15.90 -10.70
N SER B 590 -20.85 15.52 -9.42
CA SER B 590 -19.66 15.30 -8.62
C SER B 590 -19.17 13.86 -8.66
N TYR B 591 -20.05 12.90 -9.01
CA TYR B 591 -19.61 11.54 -9.25
C TYR B 591 -18.70 11.45 -10.46
N TYR B 592 -18.99 12.25 -11.49
CA TYR B 592 -18.21 12.21 -12.73
C TYR B 592 -16.95 13.04 -12.65
N MET B 593 -16.96 14.12 -11.87
CA MET B 593 -15.78 14.94 -11.72
C MET B 593 -14.78 14.37 -10.72
N ALA B 594 -15.14 13.31 -10.02
CA ALA B 594 -14.23 12.66 -9.08
C ALA B 594 -13.54 11.45 -9.66
N HIS B 595 -14.27 10.65 -10.45
CA HIS B 595 -13.66 9.47 -11.06
C HIS B 595 -12.91 9.84 -12.33
N TYR B 596 -13.61 10.37 -13.32
CA TYR B 596 -13.03 10.67 -14.63
C TYR B 596 -12.60 12.13 -14.70
N ARG B 597 -11.82 12.53 -13.72
CA ARG B 597 -11.22 13.85 -13.67
C ARG B 597 -9.97 14.01 -14.55
N PRO B 598 -9.00 13.07 -14.60
CA PRO B 598 -7.90 13.27 -15.55
C PRO B 598 -8.30 13.09 -17.00
N LEU B 599 -9.33 12.30 -17.28
CA LEU B 599 -9.69 12.01 -18.66
C LEU B 599 -10.50 13.12 -19.31
N ILE B 600 -11.07 14.04 -18.52
CA ILE B 600 -11.86 15.12 -19.08
C ILE B 600 -10.95 16.24 -19.58
N ASN B 601 -9.86 16.51 -18.86
CA ASN B 601 -8.96 17.60 -19.22
C ASN B 601 -8.16 17.32 -20.49
N LEU B 602 -8.09 16.06 -20.93
CA LEU B 602 -7.42 15.73 -22.17
C LEU B 602 -8.30 16.10 -23.36
N ARG B 603 -7.65 16.43 -24.47
CA ARG B 603 -8.36 16.67 -25.73
C ARG B 603 -8.04 15.61 -26.77
N GLN B 604 -7.14 14.70 -26.48
CA GLN B 604 -6.80 13.59 -27.37
C GLN B 604 -6.31 12.43 -26.49
N PRO B 605 -7.09 11.36 -26.29
CA PRO B 605 -8.38 10.94 -26.88
C PRO B 605 -9.57 11.78 -26.45
N LYS B 606 -10.62 11.78 -27.27
CA LYS B 606 -11.77 12.62 -27.01
C LYS B 606 -12.52 12.11 -25.79
N PRO B 607 -12.75 12.94 -24.77
CA PRO B 607 -13.38 12.44 -23.55
C PRO B 607 -14.87 12.19 -23.75
N LEU B 608 -15.35 11.15 -23.08
CA LEU B 608 -16.77 10.82 -23.07
C LEU B 608 -17.42 11.65 -21.97
N LEU B 609 -18.21 12.64 -22.36
CA LEU B 609 -18.86 13.51 -21.39
C LEU B 609 -20.00 12.79 -20.70
N ARG B 610 -20.47 13.38 -19.60
CA ARG B 610 -21.52 12.75 -18.80
C ARG B 610 -22.85 12.74 -19.54
N SER B 611 -23.17 13.84 -20.23
CA SER B 611 -24.39 13.90 -21.01
C SER B 611 -24.31 13.07 -22.28
N GLU B 612 -23.13 12.62 -22.66
CA GLU B 612 -22.94 11.72 -23.79
C GLU B 612 -22.92 10.26 -23.36
N ALA B 613 -22.35 9.97 -22.19
CA ALA B 613 -22.37 8.62 -21.65
C ALA B 613 -23.74 8.20 -21.13
N ASP B 614 -24.60 9.16 -20.81
CA ASP B 614 -25.96 8.87 -20.40
C ASP B 614 -26.88 8.57 -21.57
N CYS B 615 -26.43 8.83 -22.81
CA CYS B 615 -27.17 8.48 -24.00
C CYS B 615 -26.79 7.12 -24.55
N ILE B 616 -25.72 6.52 -24.04
CA ILE B 616 -25.41 5.14 -24.36
C ILE B 616 -26.25 4.20 -23.50
N ILE B 617 -26.43 4.56 -22.23
CA ILE B 617 -27.22 3.74 -21.32
C ILE B 617 -28.71 3.88 -21.63
N LYS B 618 -29.15 5.08 -22.01
CA LYS B 618 -30.55 5.29 -22.31
C LYS B 618 -30.95 4.63 -23.63
N ASN B 619 -30.03 4.55 -24.58
CA ASN B 619 -30.27 3.80 -25.81
C ASN B 619 -30.20 2.30 -25.60
N LEU B 620 -29.77 1.85 -24.42
CA LEU B 620 -29.67 0.44 -24.10
C LEU B 620 -30.63 0.04 -22.99
N GLN B 621 -31.23 1.01 -22.30
CA GLN B 621 -32.26 0.72 -21.31
C GLN B 621 -33.65 0.56 -21.91
N ASN B 622 -33.86 0.99 -23.16
CA ASN B 622 -35.15 0.80 -23.81
C ASN B 622 -35.22 -0.49 -24.60
N PHE B 623 -34.38 -1.47 -24.29
CA PHE B 623 -34.57 -2.83 -24.75
C PHE B 623 -35.50 -3.55 -23.78
N SER B 624 -35.95 -4.73 -24.18
CA SER B 624 -36.80 -5.51 -23.31
C SER B 624 -35.95 -6.32 -22.34
N THR B 625 -36.59 -6.84 -21.28
CA THR B 625 -35.86 -7.62 -20.29
C THR B 625 -35.49 -8.99 -20.84
N ASP B 626 -36.38 -9.62 -21.62
CA ASP B 626 -36.04 -10.87 -22.28
C ASP B 626 -35.23 -10.66 -23.54
N ASP B 627 -34.98 -9.41 -23.94
CA ASP B 627 -34.14 -9.09 -25.07
C ASP B 627 -32.76 -8.62 -24.64
N LEU B 628 -32.63 -8.09 -23.41
CA LEU B 628 -31.32 -7.80 -22.86
C LEU B 628 -30.58 -9.07 -22.45
N ILE B 629 -31.31 -10.16 -22.20
CA ILE B 629 -30.66 -11.41 -21.83
C ILE B 629 -30.01 -12.05 -23.05
N ILE B 630 -30.75 -12.14 -24.17
CA ILE B 630 -30.20 -12.73 -25.38
C ILE B 630 -29.19 -11.84 -26.07
N LYS B 631 -29.13 -10.56 -25.71
CA LYS B 631 -28.12 -9.66 -26.23
C LYS B 631 -26.86 -9.67 -25.39
N SER B 632 -26.96 -10.04 -24.12
CA SER B 632 -25.81 -10.24 -23.26
C SER B 632 -25.33 -11.68 -23.24
N ASN B 633 -26.15 -12.62 -23.70
CA ASN B 633 -25.73 -14.00 -23.88
C ASN B 633 -24.86 -14.17 -25.13
N GLU B 634 -24.97 -13.25 -26.09
CA GLU B 634 -24.14 -13.27 -27.27
C GLU B 634 -22.88 -12.43 -27.15
N LYS B 635 -22.85 -11.48 -26.21
CA LYS B 635 -21.65 -10.68 -26.01
C LYS B 635 -20.62 -11.39 -25.14
N PHE B 636 -21.04 -12.29 -24.27
CA PHE B 636 -20.10 -13.13 -23.54
C PHE B 636 -19.73 -14.39 -24.30
N THR B 637 -20.60 -14.87 -25.19
CA THR B 637 -20.22 -15.98 -26.07
C THR B 637 -19.16 -15.53 -27.05
N ALA B 638 -19.30 -14.31 -27.60
CA ALA B 638 -18.27 -13.74 -28.45
C ALA B 638 -17.01 -13.37 -27.68
N ALA B 639 -17.13 -13.16 -26.37
CA ALA B 639 -15.95 -12.90 -25.55
C ALA B 639 -15.29 -14.17 -25.06
N LYS B 640 -16.05 -15.26 -24.93
CA LYS B 640 -15.46 -16.54 -24.55
C LYS B 640 -14.69 -17.15 -25.72
N ASN B 641 -15.28 -17.10 -26.91
CA ASN B 641 -14.64 -17.67 -28.09
C ASN B 641 -13.44 -16.86 -28.56
N SER B 642 -13.34 -15.59 -28.17
CA SER B 642 -12.19 -14.78 -28.51
C SER B 642 -11.11 -14.81 -27.44
N LEU B 643 -11.43 -15.25 -26.23
CA LEU B 643 -10.42 -15.38 -25.20
C LEU B 643 -9.69 -16.71 -25.27
N ILE B 644 -10.39 -17.79 -25.63
CA ILE B 644 -9.72 -19.07 -25.80
C ILE B 644 -8.91 -19.10 -27.08
N ASN B 645 -9.26 -18.28 -28.07
CA ASN B 645 -8.47 -18.18 -29.30
C ASN B 645 -7.22 -17.34 -29.15
N VAL B 646 -6.96 -16.80 -27.96
CA VAL B 646 -5.73 -16.06 -27.69
C VAL B 646 -4.81 -16.85 -26.78
N ILE B 647 -5.36 -17.47 -25.73
CA ILE B 647 -4.53 -18.21 -24.78
C ILE B 647 -4.09 -19.57 -25.31
N LYS B 648 -4.70 -20.09 -26.38
CA LYS B 648 -4.20 -21.30 -27.00
C LYS B 648 -3.49 -21.03 -28.32
N SER B 649 -3.60 -19.82 -28.86
CA SER B 649 -2.89 -19.47 -30.07
C SER B 649 -1.40 -19.31 -29.77
N GLY B 650 -0.62 -19.13 -30.84
CA GLY B 650 0.82 -19.16 -30.70
C GLY B 650 1.37 -17.97 -29.95
N PHE B 651 1.36 -16.78 -30.57
CA PHE B 651 1.65 -15.48 -29.99
C PHE B 651 3.03 -15.37 -29.34
N GLU B 652 3.94 -16.31 -29.56
CA GLU B 652 5.29 -16.22 -29.00
C GLU B 652 6.38 -16.39 -30.03
N GLN B 653 6.05 -16.69 -31.30
CA GLN B 653 7.06 -16.68 -32.35
C GLN B 653 7.46 -15.26 -32.73
N ASN B 654 6.68 -14.25 -32.33
CA ASN B 654 7.10 -12.88 -32.47
C ASN B 654 8.15 -12.53 -31.43
N GLU B 655 9.04 -11.61 -31.78
CA GLU B 655 10.18 -11.32 -30.91
C GLU B 655 9.77 -10.47 -29.71
N PHE B 656 8.89 -9.50 -29.91
CA PHE B 656 8.70 -8.46 -28.89
C PHE B 656 7.25 -8.27 -28.53
N ILE B 657 6.50 -9.33 -28.21
CA ILE B 657 5.21 -9.06 -27.58
C ILE B 657 5.37 -8.94 -26.08
N ASN B 658 5.40 -10.08 -25.37
CA ASN B 658 5.83 -10.33 -24.00
C ASN B 658 5.70 -11.83 -23.80
N PRO B 659 6.76 -12.64 -23.97
CA PRO B 659 6.60 -14.10 -23.88
C PRO B 659 5.98 -14.64 -22.59
N TYR B 660 6.20 -13.96 -21.47
CA TYR B 660 5.55 -14.30 -20.20
C TYR B 660 4.36 -13.39 -19.91
N PHE B 661 3.39 -13.36 -20.81
CA PHE B 661 2.22 -12.51 -20.58
C PHE B 661 0.97 -13.27 -20.19
N LEU B 662 1.02 -14.61 -20.21
CA LEU B 662 -0.07 -15.43 -19.70
C LEU B 662 0.17 -15.91 -18.28
N GLN B 663 1.37 -15.70 -17.74
CA GLN B 663 1.69 -16.11 -16.38
C GLN B 663 1.21 -15.13 -15.33
N THR B 664 0.67 -13.98 -15.74
CA THR B 664 0.03 -13.09 -14.79
C THR B 664 -1.40 -13.52 -14.45
N ASN B 665 -1.94 -14.49 -15.20
CA ASN B 665 -3.28 -15.05 -15.03
C ASN B 665 -4.35 -13.96 -15.08
N TYR B 666 -4.27 -13.14 -16.12
CA TYR B 666 -5.27 -12.12 -16.36
C TYR B 666 -6.23 -12.50 -17.46
N LEU B 667 -5.72 -12.98 -18.60
CA LEU B 667 -6.57 -13.38 -19.71
C LEU B 667 -7.36 -14.65 -19.43
N LYS B 668 -6.91 -15.48 -18.49
CA LYS B 668 -7.66 -16.66 -18.10
C LYS B 668 -8.51 -16.45 -16.86
N ASN B 669 -8.28 -15.37 -16.11
CA ASN B 669 -9.14 -15.07 -14.97
C ASN B 669 -10.46 -14.46 -15.42
N LEU B 670 -10.46 -13.63 -16.45
CA LEU B 670 -11.68 -13.14 -17.03
C LEU B 670 -12.17 -14.03 -18.17
N LEU B 671 -11.60 -15.23 -18.30
CA LEU B 671 -12.25 -16.30 -19.03
C LEU B 671 -13.17 -17.11 -18.13
N CYS B 672 -12.80 -17.31 -16.88
CA CYS B 672 -13.73 -17.87 -15.91
C CYS B 672 -14.80 -16.88 -15.50
N CYS B 673 -14.55 -15.58 -15.65
CA CYS B 673 -15.54 -14.56 -15.35
C CYS B 673 -16.52 -14.34 -16.50
N CYS B 674 -16.40 -15.12 -17.57
CA CYS B 674 -17.39 -15.11 -18.65
C CYS B 674 -17.89 -16.51 -18.95
N ILE B 675 -17.49 -17.51 -18.18
CA ILE B 675 -18.09 -18.84 -18.24
C ILE B 675 -19.07 -19.04 -17.10
N THR B 676 -18.66 -18.76 -15.86
CA THR B 676 -19.58 -18.82 -14.73
C THR B 676 -20.59 -17.70 -14.75
N ASN B 677 -20.29 -16.62 -15.47
CA ASN B 677 -21.25 -15.56 -15.72
C ASN B 677 -22.21 -15.93 -16.85
N LEU B 678 -21.92 -17.02 -17.56
CA LEU B 678 -22.75 -17.51 -18.64
C LEU B 678 -23.67 -18.65 -18.22
N VAL B 679 -23.33 -19.38 -17.15
CA VAL B 679 -24.19 -20.44 -16.65
C VAL B 679 -25.33 -19.90 -15.79
N SER B 680 -25.35 -18.61 -15.49
CA SER B 680 -26.44 -17.99 -14.78
C SER B 680 -27.28 -17.06 -15.65
N LEU B 681 -26.82 -16.76 -16.87
CA LEU B 681 -27.67 -16.11 -17.84
C LEU B 681 -28.62 -17.08 -18.52
N ALA B 682 -28.36 -18.38 -18.42
CA ALA B 682 -29.33 -19.39 -18.82
C ALA B 682 -30.38 -19.60 -17.75
N ILE B 683 -30.00 -19.53 -16.48
CA ILE B 683 -30.96 -19.59 -15.39
C ILE B 683 -31.86 -18.37 -15.40
N LEU B 684 -31.30 -17.20 -15.70
CA LEU B 684 -32.08 -15.97 -15.78
C LEU B 684 -32.96 -15.93 -17.01
N SER B 685 -32.63 -16.67 -18.07
CA SER B 685 -33.46 -16.68 -19.26
C SER B 685 -34.72 -17.49 -19.08
N LYS B 686 -34.74 -18.42 -18.12
CA LYS B 686 -35.93 -19.20 -17.86
C LYS B 686 -36.94 -18.42 -17.02
N ASP B 687 -36.50 -17.91 -15.87
CA ASP B 687 -37.32 -17.03 -15.05
C ASP B 687 -36.57 -15.74 -14.79
N HIS B 688 -37.24 -14.61 -15.00
CA HIS B 688 -36.65 -13.30 -14.78
C HIS B 688 -36.57 -12.91 -13.31
N SER B 689 -37.10 -13.75 -12.40
CA SER B 689 -37.07 -13.48 -10.98
C SER B 689 -36.18 -14.46 -10.22
N ALA B 690 -35.13 -14.95 -10.85
CA ALA B 690 -34.20 -15.84 -10.17
C ALA B 690 -33.36 -15.05 -9.18
N ASN B 691 -33.00 -15.71 -8.07
CA ASN B 691 -32.34 -15.03 -6.96
C ASN B 691 -30.83 -15.10 -7.13
N LEU B 692 -30.36 -14.43 -8.18
CA LEU B 692 -28.94 -14.31 -8.44
C LEU B 692 -28.37 -13.10 -7.71
N LYS B 693 -27.05 -13.09 -7.52
CA LYS B 693 -26.37 -12.02 -6.81
C LYS B 693 -25.04 -11.75 -7.50
N ILE B 694 -24.41 -10.64 -7.12
CA ILE B 694 -23.12 -10.23 -7.64
C ILE B 694 -22.09 -10.47 -6.55
N VAL B 695 -21.23 -11.46 -6.75
CA VAL B 695 -20.23 -11.82 -5.76
C VAL B 695 -18.91 -11.15 -6.11
N GLU B 696 -17.99 -11.12 -5.15
CA GLU B 696 -16.75 -10.37 -5.24
C GLU B 696 -15.57 -11.24 -4.87
N ILE B 697 -15.46 -12.39 -5.55
CA ILE B 697 -14.36 -13.36 -5.40
C ILE B 697 -13.00 -12.68 -5.50
N PRO B 698 -12.17 -12.76 -4.45
CA PRO B 698 -11.01 -11.87 -4.35
C PRO B 698 -9.85 -12.23 -5.25
N GLY B 699 -9.89 -13.36 -5.94
CA GLY B 699 -8.83 -13.71 -6.85
C GLY B 699 -9.17 -13.40 -8.30
N ASN B 700 -10.18 -12.57 -8.50
CA ASN B 700 -10.68 -12.28 -9.83
C ASN B 700 -10.68 -10.78 -10.11
N PRO B 701 -10.50 -10.36 -11.36
CA PRO B 701 -10.60 -8.93 -11.68
C PRO B 701 -12.03 -8.42 -11.63
N LEU B 702 -12.95 -9.18 -12.18
CA LEU B 702 -14.33 -8.77 -12.37
C LEU B 702 -15.27 -9.58 -11.49
N PRO B 703 -16.31 -8.94 -10.96
CA PRO B 703 -17.37 -9.69 -10.29
C PRO B 703 -18.20 -10.47 -11.29
N SER B 704 -18.95 -11.43 -10.76
CA SER B 704 -19.72 -12.33 -11.61
C SER B 704 -21.08 -12.60 -10.99
N LEU B 705 -22.10 -12.66 -11.85
CA LEU B 705 -23.45 -13.03 -11.45
C LEU B 705 -23.50 -14.53 -11.20
N SER B 706 -23.37 -14.96 -9.95
CA SER B 706 -23.01 -16.35 -9.68
C SER B 706 -24.11 -17.17 -9.02
N ARG B 707 -24.65 -16.70 -7.89
CA ARG B 707 -25.34 -17.58 -6.94
C ARG B 707 -26.64 -18.13 -7.50
N THR B 708 -26.81 -19.45 -7.38
CA THR B 708 -27.77 -20.32 -8.08
C THR B 708 -28.15 -19.86 -9.49
N MET C 47 4.22 36.23 38.12
CA MET C 47 3.04 35.76 37.40
C MET C 47 3.33 34.41 36.76
N GLY C 48 2.28 33.75 36.27
CA GLY C 48 2.44 32.41 35.72
C GLY C 48 3.06 32.42 34.34
N GLU C 49 2.59 33.32 33.46
CA GLU C 49 3.01 33.26 32.07
C GLU C 49 4.43 33.77 31.87
N ILE C 50 4.87 34.76 32.66
CA ILE C 50 6.23 35.27 32.51
C ILE C 50 7.22 34.28 33.13
N LEU C 51 6.82 33.55 34.17
CA LEU C 51 7.69 32.52 34.72
C LEU C 51 7.82 31.34 33.78
N LEU C 52 6.71 30.91 33.16
CA LEU C 52 6.74 29.79 32.23
C LEU C 52 7.46 30.13 30.93
N THR C 53 7.52 31.40 30.55
CA THR C 53 8.24 31.82 29.35
C THR C 53 9.75 31.76 29.56
N SER C 54 10.24 31.95 30.78
CA SER C 54 11.67 31.81 31.07
C SER C 54 12.15 30.37 30.98
N TRP C 55 11.28 29.40 31.18
CA TRP C 55 11.64 27.99 31.11
C TRP C 55 11.53 27.41 29.71
N LEU C 56 11.11 28.20 28.74
CA LEU C 56 10.43 27.68 27.56
C LEU C 56 11.37 27.03 26.54
N ASN C 57 12.67 26.98 26.79
CA ASN C 57 13.55 26.20 25.93
C ASN C 57 14.64 25.43 26.67
N ARG C 58 14.62 25.40 28.00
CA ARG C 58 15.63 24.68 28.75
C ARG C 58 15.17 23.25 29.00
N SER C 59 16.12 22.36 29.28
CA SER C 59 15.81 20.95 29.47
C SER C 59 15.20 20.70 30.84
N VAL C 60 14.17 19.86 30.87
CA VAL C 60 13.43 19.57 32.09
C VAL C 60 13.65 18.11 32.47
N HIS C 61 13.15 17.72 33.64
CA HIS C 61 13.34 16.38 34.20
C HIS C 61 12.03 15.85 34.78
N ILE C 62 10.99 15.78 33.95
CA ILE C 62 9.69 15.29 34.38
C ILE C 62 9.77 13.82 34.78
N GLU C 63 9.34 13.51 35.99
CA GLU C 63 9.13 12.15 36.47
C GLU C 63 7.63 11.96 36.70
N ILE C 64 7.06 10.87 36.18
CA ILE C 64 5.62 10.89 36.03
C ILE C 64 4.87 10.42 37.29
N PHE C 65 4.78 9.11 37.52
CA PHE C 65 4.40 8.58 38.83
C PHE C 65 5.03 7.24 39.15
N ASP C 66 5.40 6.43 38.17
CA ASP C 66 5.94 5.09 38.41
C ASP C 66 7.44 5.03 38.11
N GLU C 67 8.06 6.14 38.42
CA GLU C 67 9.50 6.30 38.30
C GLU C 67 9.95 6.04 36.89
N ARG C 68 9.54 6.88 35.97
CA ARG C 68 10.01 6.96 34.59
C ARG C 68 10.34 8.42 34.32
N LYS C 69 11.62 8.74 34.29
CA LYS C 69 12.08 10.14 34.33
C LYS C 69 12.40 10.60 32.91
N PHE C 70 11.56 11.47 32.37
CA PHE C 70 11.75 11.96 31.01
C PHE C 70 12.57 13.24 31.01
N ILE C 71 13.57 13.29 30.13
CA ILE C 71 14.45 14.45 29.99
C ILE C 71 14.32 14.95 28.56
N GLY C 72 13.86 16.18 28.39
CA GLY C 72 13.71 16.71 27.06
C GLY C 72 13.62 18.22 27.09
N LYS C 73 13.55 18.80 25.89
CA LYS C 73 13.49 20.25 25.75
C LYS C 73 12.05 20.71 25.88
N PHE C 74 11.82 21.68 26.77
CA PHE C 74 10.49 22.15 27.10
C PHE C 74 9.91 22.97 25.96
N LEU C 75 8.62 22.80 25.67
CA LEU C 75 8.07 23.57 24.56
C LEU C 75 6.75 24.28 24.86
N CYS C 76 5.81 23.64 25.57
CA CYS C 76 4.46 24.19 25.67
C CYS C 76 3.71 23.54 26.82
N THR C 77 2.82 24.29 27.45
CA THR C 77 1.86 23.77 28.44
C THR C 77 0.50 24.41 28.22
N ASP C 78 -0.41 24.12 29.14
CA ASP C 78 -1.76 24.71 29.16
C ASP C 78 -2.19 24.86 30.61
N ARG C 79 -3.49 25.02 30.82
CA ARG C 79 -4.02 25.26 32.16
C ARG C 79 -3.88 24.05 33.08
N GLU C 80 -4.00 22.84 32.54
CA GLU C 80 -3.90 21.65 33.35
C GLU C 80 -2.47 21.21 33.57
N GLY C 81 -1.57 21.54 32.66
CA GLY C 81 -0.23 21.00 32.67
C GLY C 81 -0.16 19.90 31.63
N ALA C 82 0.37 20.21 30.46
CA ALA C 82 0.43 19.26 29.36
C ALA C 82 1.79 19.37 28.68
N ALA C 83 2.85 19.29 29.47
CA ALA C 83 4.17 19.80 29.09
C ALA C 83 4.78 19.09 27.90
N ILE C 84 4.71 19.74 26.73
CA ILE C 84 5.22 19.14 25.50
C ILE C 84 6.74 19.20 25.52
N LEU C 85 7.37 18.04 25.39
CA LEU C 85 8.81 17.91 25.47
C LEU C 85 9.36 17.51 24.11
N SER C 86 10.55 17.98 23.79
CA SER C 86 11.23 17.64 22.55
C SER C 86 12.58 17.00 22.86
N ASN C 87 12.98 16.07 21.98
CA ASN C 87 14.16 15.20 22.16
C ASN C 87 14.11 14.45 23.49
N THR C 88 12.98 13.81 23.72
CA THR C 88 12.71 13.18 25.00
C THR C 88 13.43 11.84 25.11
N THR C 89 14.02 11.58 26.26
CA THR C 89 14.65 10.31 26.60
C THR C 89 13.84 9.65 27.71
N GLU C 90 13.70 8.32 27.64
CA GLU C 90 12.76 7.60 28.49
C GLU C 90 13.24 7.45 29.92
N TYR C 91 14.40 6.80 30.11
CA TYR C 91 14.99 6.47 31.40
C TYR C 91 14.04 5.65 32.26
N ASN C 92 13.80 4.43 31.80
CA ASN C 92 13.00 3.42 32.49
C ASN C 92 13.79 2.77 33.62
N LYS C 93 13.38 1.55 34.00
CA LYS C 93 14.02 0.78 35.07
C LYS C 93 15.53 0.72 34.95
N GLY C 94 16.04 0.28 33.79
CA GLY C 94 17.48 0.22 33.62
C GLY C 94 17.96 0.57 32.22
N PHE C 95 17.08 1.16 31.42
CA PHE C 95 17.40 1.47 30.03
C PHE C 95 16.73 2.78 29.64
N SER C 96 17.00 3.22 28.42
CA SER C 96 16.50 4.50 27.92
C SER C 96 16.14 4.38 26.44
N ARG C 97 15.04 5.03 26.07
CA ARG C 97 14.59 5.12 24.69
C ARG C 97 14.92 6.51 24.14
N ALA C 98 14.45 6.79 22.93
CA ALA C 98 14.77 8.03 22.22
C ALA C 98 13.52 8.58 21.53
N LEU C 99 12.46 8.82 22.31
CA LEU C 99 11.12 9.12 21.81
C LEU C 99 11.09 10.31 20.84
N GLY C 100 11.38 11.51 21.33
CA GLY C 100 11.51 12.63 20.43
C GLY C 100 10.52 13.76 20.63
N LEU C 101 9.25 13.44 20.86
CA LEU C 101 8.23 14.47 21.08
C LEU C 101 7.07 13.84 21.83
N VAL C 102 6.79 14.34 23.04
CA VAL C 102 5.77 13.76 23.90
C VAL C 102 4.91 14.87 24.50
N VAL C 103 3.83 14.49 25.17
CA VAL C 103 2.84 15.44 25.67
C VAL C 103 2.84 15.49 27.20
N ILE C 104 2.81 14.33 27.87
CA ILE C 104 2.88 14.17 29.33
C ILE C 104 1.80 14.97 30.06
N PRO C 105 0.54 14.50 30.10
CA PRO C 105 -0.49 15.23 30.84
C PRO C 105 -0.19 15.33 32.33
N GLY C 106 -0.78 16.35 32.96
CA GLY C 106 -0.40 16.76 34.29
C GLY C 106 -1.09 16.08 35.45
N LYS C 107 -1.97 15.12 35.20
CA LYS C 107 -2.39 14.24 36.30
C LYS C 107 -1.36 13.16 36.57
N HIS C 108 -0.32 13.06 35.76
CA HIS C 108 0.78 12.12 35.88
C HIS C 108 2.11 12.86 35.89
N ILE C 109 2.26 13.86 36.76
CA ILE C 109 3.55 14.57 36.88
C ILE C 109 3.88 14.65 38.36
N LYS C 110 5.07 14.15 38.72
CA LYS C 110 5.55 14.16 40.09
C LYS C 110 6.66 15.17 40.33
N SER C 111 7.43 15.52 39.30
CA SER C 111 8.53 16.47 39.44
C SER C 111 8.69 17.25 38.14
N PHE C 112 9.19 18.48 38.24
CA PHE C 112 9.47 19.32 37.09
C PHE C 112 10.83 20.01 37.28
N SER C 113 11.87 19.23 37.55
CA SER C 113 13.19 19.82 37.72
C SER C 113 13.72 20.34 36.39
N VAL C 114 14.13 21.61 36.36
CA VAL C 114 14.64 22.22 35.13
C VAL C 114 15.77 23.22 35.38
N ARG C 115 16.98 22.85 34.99
CA ARG C 115 18.05 23.85 34.90
C ARG C 115 18.84 23.75 33.60
N ALA C 116 19.12 22.53 33.15
CA ALA C 116 20.05 22.31 32.04
C ALA C 116 19.91 20.93 31.44
N MET D 1 -12.05 9.57 10.49
CA MET D 1 -10.73 9.30 11.16
C MET D 1 -9.70 10.02 10.33
N LEU D 2 -8.81 10.72 10.98
CA LEU D 2 -7.69 11.46 10.39
C LEU D 2 -6.58 10.45 10.30
N GLY D 3 -6.04 10.09 9.14
CA GLY D 3 -4.98 9.07 9.12
C GLY D 3 -3.65 9.67 9.53
N PRO D 4 -2.40 8.94 9.90
CA PRO D 4 -1.12 9.41 10.36
C PRO D 4 -0.56 10.57 9.55
C1 IHP E . -1.07 14.47 -4.08
C2 IHP E . -2.24 15.35 -3.74
C3 IHP E . -2.83 15.42 -2.31
C4 IHP E . -1.78 15.27 -1.22
C5 IHP E . -0.39 14.78 -1.60
C6 IHP E . -0.03 14.85 -3.06
O11 IHP E . -1.28 13.07 -4.14
P1 IHP E . -0.96 12.04 -5.31
O21 IHP E . -1.68 12.41 -6.49
O31 IHP E . -1.36 10.82 -4.68
O41 IHP E . 0.46 12.03 -5.50
O12 IHP E . -3.26 15.29 -4.69
P2 IHP E . -3.09 15.99 -6.08
O22 IHP E . -2.50 17.27 -5.79
O32 IHP E . -2.26 15.13 -6.90
O42 IHP E . -4.47 16.08 -6.54
O13 IHP E . -3.99 14.68 -1.97
P3 IHP E . -5.53 14.80 -2.21
O23 IHP E . -5.57 14.83 -3.61
O33 IHP E . -5.75 13.58 -1.50
O43 IHP E . -6.30 15.84 -1.62
O14 IHP E . -2.21 14.61 -0.04
P4 IHP E . -3.15 15.16 1.07
O24 IHP E . -3.05 16.58 1.19
O34 IHP E . -4.40 14.71 0.53
O44 IHP E . -2.73 14.54 2.28
O15 IHP E . -0.01 13.57 -0.99
P5 IHP E . 0.69 13.51 0.43
O25 IHP E . -0.10 14.31 1.34
O35 IHP E . 0.72 12.09 0.75
O45 IHP E . 2.02 14.05 0.25
O16 IHP E . 1.17 14.14 -3.28
P6 IHP E . 2.54 14.77 -3.77
O26 IHP E . 2.68 16.06 -3.07
O36 IHP E . 3.45 13.68 -3.34
O46 IHP E . 2.35 14.92 -5.23
N1A CMC F . -24.75 -0.33 8.62
C2A CMC F . -25.03 0.29 7.48
N3A CMC F . -25.36 1.57 7.29
C4A CMC F . -25.37 2.23 8.45
C5A CMC F . -25.10 1.74 9.68
C6A CMC F . -24.77 0.38 9.77
N6A CMC F . -24.48 -0.23 10.90
N7A CMC F . -25.20 2.75 10.63
C8A CMC F . -25.53 3.81 9.94
N9A CMC F . -25.64 3.56 8.62
C1B CMC F . -25.99 4.45 7.61
C2B CMC F . -27.37 4.13 7.07
O2B CMC F . -27.49 4.24 5.68
C3B CMC F . -28.24 5.19 7.73
O3B CMC F . -29.40 5.46 6.97
P3B CMC F . -30.27 4.14 7.02
O7A CMC F . -29.66 3.01 6.28
O8A CMC F . -31.53 4.62 6.38
O9A CMC F . -30.47 3.79 8.47
C4B CMC F . -27.28 6.34 7.74
O4B CMC F . -26.09 5.70 8.21
C5B CMC F . -27.62 7.46 8.70
O5B CMC F . -27.66 7.02 10.06
P1A CMC F . -27.41 8.11 11.14
O1A CMC F . -27.13 9.36 10.46
O2A CMC F . -28.50 8.13 12.07
O3A CMC F . -26.15 7.48 11.79
P2A CMC F . -25.43 7.41 13.16
O4A CMC F . -26.19 6.51 14.01
O5A CMC F . -25.17 8.77 13.60
O6A CMC F . -24.04 6.72 12.87
CBP CMC F . -21.68 7.20 12.74
CCP CMC F . -23.05 7.47 12.19
CDP CMC F . -20.73 7.00 11.58
CEP CMC F . -21.17 8.38 13.53
CAP CMC F . -21.63 6.03 13.66
OAP CMC F . -21.66 4.91 12.86
C9P CMC F . -20.39 6.05 14.48
O9P CMC F . -20.47 6.22 15.66
N8P CMC F . -19.23 5.75 13.94
C7P CMC F . -18.23 5.15 14.80
C6P CMC F . -17.04 5.98 14.87
C5P CMC F . -16.71 6.26 13.43
O5P CMC F . -16.11 5.46 12.77
N4P CMC F . -17.13 7.39 12.93
C3P CMC F . -16.36 8.14 11.96
C2P CMC F . -15.94 7.28 10.79
S1P CMC F . -15.14 8.38 9.63
C1 CMC F . -14.30 9.49 10.74
C2 CMC F . -13.46 10.18 9.72
O21 CMC F . -14.26 10.81 9.10
#